data_1HS3
# 
_entry.id   1HS3 
# 
_audit_conform.dict_name       mmcif_pdbx.dic 
_audit_conform.dict_version    5.392 
_audit_conform.dict_location   http://mmcif.pdb.org/dictionaries/ascii/mmcif_pdbx.dic 
# 
loop_
_database_2.database_id 
_database_2.database_code 
_database_2.pdbx_database_accession 
_database_2.pdbx_DOI 
PDB   1HS3         pdb_00001hs3 10.2210/pdb1hs3/pdb 
RCSB  RCSB012554   ?            ?                   
WWPDB D_1000012554 ?            ?                   
# 
loop_
_pdbx_audit_revision_history.ordinal 
_pdbx_audit_revision_history.data_content_type 
_pdbx_audit_revision_history.major_revision 
_pdbx_audit_revision_history.minor_revision 
_pdbx_audit_revision_history.revision_date 
1 'Structure model' 1 0 2003-09-02 
2 'Structure model' 1 1 2008-04-27 
3 'Structure model' 1 2 2011-07-13 
4 'Structure model' 1 3 2022-02-23 
5 'Structure model' 1 4 2024-05-22 
# 
_pdbx_audit_revision_details.ordinal             1 
_pdbx_audit_revision_details.revision_ordinal    1 
_pdbx_audit_revision_details.data_content_type   'Structure model' 
_pdbx_audit_revision_details.provider            repository 
_pdbx_audit_revision_details.type                'Initial release' 
_pdbx_audit_revision_details.description         ? 
_pdbx_audit_revision_details.details             ? 
# 
loop_
_pdbx_audit_revision_group.ordinal 
_pdbx_audit_revision_group.revision_ordinal 
_pdbx_audit_revision_group.data_content_type 
_pdbx_audit_revision_group.group 
1 2 'Structure model' 'Version format compliance' 
2 3 'Structure model' 'Version format compliance' 
3 4 'Structure model' 'Data collection'           
4 4 'Structure model' 'Database references'       
5 4 'Structure model' 'Derived calculations'      
6 5 'Structure model' 'Data collection'           
# 
loop_
_pdbx_audit_revision_category.ordinal 
_pdbx_audit_revision_category.revision_ordinal 
_pdbx_audit_revision_category.data_content_type 
_pdbx_audit_revision_category.category 
1 4 'Structure model' database_2            
2 4 'Structure model' pdbx_nmr_software     
3 4 'Structure model' pdbx_struct_assembly  
4 4 'Structure model' pdbx_struct_oper_list 
5 5 'Structure model' chem_comp_atom        
6 5 'Structure model' chem_comp_bond        
# 
loop_
_pdbx_audit_revision_item.ordinal 
_pdbx_audit_revision_item.revision_ordinal 
_pdbx_audit_revision_item.data_content_type 
_pdbx_audit_revision_item.item 
1 4 'Structure model' '_database_2.pdbx_DOI'                
2 4 'Structure model' '_database_2.pdbx_database_accession' 
3 4 'Structure model' '_pdbx_nmr_software.name'             
# 
_pdbx_database_status.status_code                     REL 
_pdbx_database_status.entry_id                        1HS3 
_pdbx_database_status.recvd_initial_deposition_date   2000-12-22 
_pdbx_database_status.deposit_site                    RCSB 
_pdbx_database_status.process_site                    RCSB 
_pdbx_database_status.SG_entry                        . 
_pdbx_database_status.pdb_format_compatible           Y 
_pdbx_database_status.status_code_mr                  ? 
_pdbx_database_status.status_code_sf                  ? 
_pdbx_database_status.status_code_cs                  ? 
_pdbx_database_status.status_code_nmr_data            ? 
_pdbx_database_status.methods_development_category    ? 
# 
loop_
_pdbx_database_related.db_name 
_pdbx_database_related.db_id 
_pdbx_database_related.details 
_pdbx_database_related.content_type 
PDB 1HS1 'RNA hairpin loop UUAACU as part of hairpin r(GCGUUAACUCGCA)' unspecified 
PDB 1HS2 'RNA hairpin loop UUAAGU as part of hairpin r(GCGUUAAGUCGCA)' unspecified 
PDB 1HS4 'RNA hairpin loop UUAAAU as part of hairpin r(GCGUUAAAUCGCA)' unspecified 
PDB 1HS8 'RNA hairpin loop UCAAUU as part of hairpin r(GCGUCAAUUCGCA)' unspecified 
# 
loop_
_audit_author.name 
_audit_author.pdbx_ordinal 
'Zhang, H.'   1 
'Culyba, M.'  2 
'Volkman, H.' 3 
'Krugh, T.R.' 4 
# 
_citation.id                        primary 
_citation.title                     
'Structural Characterization of Six-Nucleotide RNA Hairpin loops: r(UUAAUU), r(UUAAAU), r(UUAACU)' 
_citation.journal_abbrev            'To be Published' 
_citation.journal_volume            ? 
_citation.page_first                ? 
_citation.page_last                 ? 
_citation.year                      ? 
_citation.journal_id_ASTM           ? 
_citation.country                   ? 
_citation.journal_id_ISSN           ? 
_citation.journal_id_CSD            0353 
_citation.book_publisher            ? 
_citation.pdbx_database_id_PubMed   ? 
_citation.pdbx_database_id_DOI      ? 
# 
loop_
_citation_author.citation_id 
_citation_author.name 
_citation_author.ordinal 
_citation_author.identifier_ORCID 
primary 'Zhang, H.'   1 ? 
primary 'Culyba, M.'  2 ? 
primary 'Volkman, H.' 3 ? 
primary 'Krugh, T.R.' 4 ? 
# 
_entity.id                         1 
_entity.type                       polymer 
_entity.src_method                 syn 
_entity.pdbx_description           "5'-R(*GP*CP*GP*UP*UP*AP*AP*UP*UP*CP*GP*CP*A)-3'" 
_entity.formula_weight             4118.486 
_entity.pdbx_number_of_molecules   1 
_entity.pdbx_ec                    ? 
_entity.pdbx_mutation              ? 
_entity.pdbx_fragment              ? 
_entity.details                    ? 
# 
_entity_poly.entity_id                      1 
_entity_poly.type                           polyribonucleotide 
_entity_poly.nstd_linkage                   no 
_entity_poly.nstd_monomer                   no 
_entity_poly.pdbx_seq_one_letter_code       GCGUUAAUUCGCA 
_entity_poly.pdbx_seq_one_letter_code_can   GCGUUAAUUCGCA 
_entity_poly.pdbx_strand_id                 A 
_entity_poly.pdbx_target_identifier         ? 
# 
loop_
_entity_poly_seq.entity_id 
_entity_poly_seq.num 
_entity_poly_seq.mon_id 
_entity_poly_seq.hetero 
1 1  G n 
1 2  C n 
1 3  G n 
1 4  U n 
1 5  U n 
1 6  A n 
1 7  A n 
1 8  U n 
1 9  U n 
1 10 C n 
1 11 G n 
1 12 C n 
1 13 A n 
# 
loop_
_chem_comp.id 
_chem_comp.type 
_chem_comp.mon_nstd_flag 
_chem_comp.name 
_chem_comp.pdbx_synonyms 
_chem_comp.formula 
_chem_comp.formula_weight 
A 'RNA linking' y "ADENOSINE-5'-MONOPHOSPHATE" ? 'C10 H14 N5 O7 P' 347.221 
C 'RNA linking' y "CYTIDINE-5'-MONOPHOSPHATE"  ? 'C9 H14 N3 O8 P'  323.197 
G 'RNA linking' y "GUANOSINE-5'-MONOPHOSPHATE" ? 'C10 H14 N5 O8 P' 363.221 
U 'RNA linking' y "URIDINE-5'-MONOPHOSPHATE"   ? 'C9 H13 N2 O9 P'  324.181 
# 
loop_
_pdbx_poly_seq_scheme.asym_id 
_pdbx_poly_seq_scheme.entity_id 
_pdbx_poly_seq_scheme.seq_id 
_pdbx_poly_seq_scheme.mon_id 
_pdbx_poly_seq_scheme.ndb_seq_num 
_pdbx_poly_seq_scheme.pdb_seq_num 
_pdbx_poly_seq_scheme.auth_seq_num 
_pdbx_poly_seq_scheme.pdb_mon_id 
_pdbx_poly_seq_scheme.auth_mon_id 
_pdbx_poly_seq_scheme.pdb_strand_id 
_pdbx_poly_seq_scheme.pdb_ins_code 
_pdbx_poly_seq_scheme.hetero 
A 1 1  G 1  1  1  G G A . n 
A 1 2  C 2  2  2  C C A . n 
A 1 3  G 3  3  3  G G A . n 
A 1 4  U 4  4  4  U U A . n 
A 1 5  U 5  5  5  U U A . n 
A 1 6  A 6  6  6  A A A . n 
A 1 7  A 7  7  7  A A A . n 
A 1 8  U 8  8  8  U U A . n 
A 1 9  U 9  9  9  U U A . n 
A 1 10 C 10 10 10 C C A . n 
A 1 11 G 11 11 11 G G A . n 
A 1 12 C 12 12 12 C C A . n 
A 1 13 A 13 13 13 A A A . n 
# 
_exptl.entry_id          1HS3 
_exptl.method            'SOLUTION NMR' 
_exptl.crystals_number   ? 
# 
_exptl_crystal.id                    1 
_exptl_crystal.density_meas          ? 
_exptl_crystal.density_Matthews      ? 
_exptl_crystal.density_percent_sol   ? 
_exptl_crystal.description           ? 
# 
_diffrn.id                     1 
_diffrn.ambient_temp           ? 
_diffrn.ambient_temp_details   ? 
_diffrn.crystal_id             1 
# 
_diffrn_radiation.diffrn_id                        1 
_diffrn_radiation.wavelength_id                    1 
_diffrn_radiation.pdbx_monochromatic_or_laue_m_l   M 
_diffrn_radiation.monochromator                    ? 
_diffrn_radiation.pdbx_diffrn_protocol             'SINGLE WAVELENGTH' 
_diffrn_radiation.pdbx_scattering_type             ? 
# 
_diffrn_radiation_wavelength.id           1 
_diffrn_radiation_wavelength.wavelength   . 
_diffrn_radiation_wavelength.wt           1.0 
# 
_struct.entry_id                  1HS3 
_struct.title                     'SOLUTION STRUCTURE OF RNA HAIRPIN LOOP UUAAUU AS PART OF HAIRPIN R(GCGUUAAUUCGCA)' 
_struct.pdbx_model_details        ? 
_struct.pdbx_CASP_flag            ? 
_struct.pdbx_model_type_details   ? 
# 
_struct_keywords.entry_id        1HS3 
_struct_keywords.pdbx_keywords   RNA 
_struct_keywords.text            'ribonucleic acid, hairpin loop, RNA structure, RNA' 
# 
_struct_asym.id                            A 
_struct_asym.pdbx_blank_PDB_chainid_flag   N 
_struct_asym.pdbx_modified                 N 
_struct_asym.entity_id                     1 
_struct_asym.details                       ? 
# 
_struct_ref.id                         1 
_struct_ref.entity_id                  1 
_struct_ref.db_name                    PDB 
_struct_ref.db_code                    1HS3 
_struct_ref.pdbx_db_accession          1HS3 
_struct_ref.pdbx_db_isoform            ? 
_struct_ref.pdbx_seq_one_letter_code   ? 
_struct_ref.pdbx_align_begin           ? 
# 
_struct_ref_seq.align_id                      1 
_struct_ref_seq.ref_id                        1 
_struct_ref_seq.pdbx_PDB_id_code              1HS3 
_struct_ref_seq.pdbx_strand_id                A 
_struct_ref_seq.seq_align_beg                 1 
_struct_ref_seq.pdbx_seq_align_beg_ins_code   ? 
_struct_ref_seq.seq_align_end                 13 
_struct_ref_seq.pdbx_seq_align_end_ins_code   ? 
_struct_ref_seq.pdbx_db_accession             1HS3 
_struct_ref_seq.db_align_beg                  1 
_struct_ref_seq.pdbx_db_align_beg_ins_code    ? 
_struct_ref_seq.db_align_end                  13 
_struct_ref_seq.pdbx_db_align_end_ins_code    ? 
_struct_ref_seq.pdbx_auth_seq_align_beg       1 
_struct_ref_seq.pdbx_auth_seq_align_end       13 
# 
_pdbx_struct_assembly.id                   1 
_pdbx_struct_assembly.details              author_defined_assembly 
_pdbx_struct_assembly.method_details       ? 
_pdbx_struct_assembly.oligomeric_details   monomeric 
_pdbx_struct_assembly.oligomeric_count     1 
# 
_pdbx_struct_assembly_gen.assembly_id       1 
_pdbx_struct_assembly_gen.oper_expression   1 
_pdbx_struct_assembly_gen.asym_id_list      A 
# 
_pdbx_struct_oper_list.id                   1 
_pdbx_struct_oper_list.type                 'identity operation' 
_pdbx_struct_oper_list.name                 1_555 
_pdbx_struct_oper_list.symmetry_operation   x,y,z 
_pdbx_struct_oper_list.matrix[1][1]         1.0000000000 
_pdbx_struct_oper_list.matrix[1][2]         0.0000000000 
_pdbx_struct_oper_list.matrix[1][3]         0.0000000000 
_pdbx_struct_oper_list.vector[1]            0.0000000000 
_pdbx_struct_oper_list.matrix[2][1]         0.0000000000 
_pdbx_struct_oper_list.matrix[2][2]         1.0000000000 
_pdbx_struct_oper_list.matrix[2][3]         0.0000000000 
_pdbx_struct_oper_list.vector[2]            0.0000000000 
_pdbx_struct_oper_list.matrix[3][1]         0.0000000000 
_pdbx_struct_oper_list.matrix[3][2]         0.0000000000 
_pdbx_struct_oper_list.matrix[3][3]         1.0000000000 
_pdbx_struct_oper_list.vector[3]            0.0000000000 
# 
_struct_biol.id   1 
# 
loop_
_struct_conn.id 
_struct_conn.conn_type_id 
_struct_conn.pdbx_leaving_atom_flag 
_struct_conn.pdbx_PDB_id 
_struct_conn.ptnr1_label_asym_id 
_struct_conn.ptnr1_label_comp_id 
_struct_conn.ptnr1_label_seq_id 
_struct_conn.ptnr1_label_atom_id 
_struct_conn.pdbx_ptnr1_label_alt_id 
_struct_conn.pdbx_ptnr1_PDB_ins_code 
_struct_conn.pdbx_ptnr1_standard_comp_id 
_struct_conn.ptnr1_symmetry 
_struct_conn.ptnr2_label_asym_id 
_struct_conn.ptnr2_label_comp_id 
_struct_conn.ptnr2_label_seq_id 
_struct_conn.ptnr2_label_atom_id 
_struct_conn.pdbx_ptnr2_label_alt_id 
_struct_conn.pdbx_ptnr2_PDB_ins_code 
_struct_conn.ptnr1_auth_asym_id 
_struct_conn.ptnr1_auth_comp_id 
_struct_conn.ptnr1_auth_seq_id 
_struct_conn.ptnr2_auth_asym_id 
_struct_conn.ptnr2_auth_comp_id 
_struct_conn.ptnr2_auth_seq_id 
_struct_conn.ptnr2_symmetry 
_struct_conn.pdbx_ptnr3_label_atom_id 
_struct_conn.pdbx_ptnr3_label_seq_id 
_struct_conn.pdbx_ptnr3_label_comp_id 
_struct_conn.pdbx_ptnr3_label_asym_id 
_struct_conn.pdbx_ptnr3_label_alt_id 
_struct_conn.pdbx_ptnr3_PDB_ins_code 
_struct_conn.details 
_struct_conn.pdbx_dist_value 
_struct_conn.pdbx_value_order 
_struct_conn.pdbx_role 
hydrog1  hydrog ? ? A G 1 N1 ? ? ? 1_555 A C 12 N3 ? ? A G 1 A C 12 1_555 ? ? ? ? ? ? WATSON-CRICK ? ? ? 
hydrog2  hydrog ? ? A G 1 N2 ? ? ? 1_555 A C 12 O2 ? ? A G 1 A C 12 1_555 ? ? ? ? ? ? WATSON-CRICK ? ? ? 
hydrog3  hydrog ? ? A G 1 O6 ? ? ? 1_555 A C 12 N4 ? ? A G 1 A C 12 1_555 ? ? ? ? ? ? WATSON-CRICK ? ? ? 
hydrog4  hydrog ? ? A C 2 N3 ? ? ? 1_555 A G 11 N1 ? ? A C 2 A G 11 1_555 ? ? ? ? ? ? WATSON-CRICK ? ? ? 
hydrog5  hydrog ? ? A C 2 N4 ? ? ? 1_555 A G 11 O6 ? ? A C 2 A G 11 1_555 ? ? ? ? ? ? WATSON-CRICK ? ? ? 
hydrog6  hydrog ? ? A C 2 O2 ? ? ? 1_555 A G 11 N2 ? ? A C 2 A G 11 1_555 ? ? ? ? ? ? WATSON-CRICK ? ? ? 
hydrog7  hydrog ? ? A G 3 N1 ? ? ? 1_555 A C 10 N3 ? ? A G 3 A C 10 1_555 ? ? ? ? ? ? WATSON-CRICK ? ? ? 
hydrog8  hydrog ? ? A G 3 N2 ? ? ? 1_555 A C 10 O2 ? ? A G 3 A C 10 1_555 ? ? ? ? ? ? WATSON-CRICK ? ? ? 
hydrog9  hydrog ? ? A G 3 O6 ? ? ? 1_555 A C 10 N4 ? ? A G 3 A C 10 1_555 ? ? ? ? ? ? WATSON-CRICK ? ? ? 
hydrog10 hydrog ? ? A U 4 N3 ? ? ? 1_555 A U 9  O4 ? ? A U 4 A U 9  1_555 ? ? ? ? ? ? TYPE_16_PAIR ? ? ? 
hydrog11 hydrog ? ? A U 4 O2 ? ? ? 1_555 A U 9  N3 ? ? A U 4 A U 9  1_555 ? ? ? ? ? ? TYPE_16_PAIR ? ? ? 
# 
_struct_conn_type.id          hydrog 
_struct_conn_type.criteria    ? 
_struct_conn_type.reference   ? 
# 
loop_
_pdbx_validate_rmsd_angle.id 
_pdbx_validate_rmsd_angle.PDB_model_num 
_pdbx_validate_rmsd_angle.auth_atom_id_1 
_pdbx_validate_rmsd_angle.auth_asym_id_1 
_pdbx_validate_rmsd_angle.auth_comp_id_1 
_pdbx_validate_rmsd_angle.auth_seq_id_1 
_pdbx_validate_rmsd_angle.PDB_ins_code_1 
_pdbx_validate_rmsd_angle.label_alt_id_1 
_pdbx_validate_rmsd_angle.auth_atom_id_2 
_pdbx_validate_rmsd_angle.auth_asym_id_2 
_pdbx_validate_rmsd_angle.auth_comp_id_2 
_pdbx_validate_rmsd_angle.auth_seq_id_2 
_pdbx_validate_rmsd_angle.PDB_ins_code_2 
_pdbx_validate_rmsd_angle.label_alt_id_2 
_pdbx_validate_rmsd_angle.auth_atom_id_3 
_pdbx_validate_rmsd_angle.auth_asym_id_3 
_pdbx_validate_rmsd_angle.auth_comp_id_3 
_pdbx_validate_rmsd_angle.auth_seq_id_3 
_pdbx_validate_rmsd_angle.PDB_ins_code_3 
_pdbx_validate_rmsd_angle.label_alt_id_3 
_pdbx_validate_rmsd_angle.angle_value 
_pdbx_validate_rmsd_angle.angle_target_value 
_pdbx_validate_rmsd_angle.angle_deviation 
_pdbx_validate_rmsd_angle.angle_standard_deviation 
_pdbx_validate_rmsd_angle.linker_flag 
1 1 "O4'" A U 4  ? ? "C1'" A U 4  ? ? N1 A U 4  ? ? 113.00 108.50 4.50 0.70 N 
2 1 "O4'" A C 10 ? ? "C1'" A C 10 ? ? N1 A C 10 ? ? 113.55 108.50 5.05 0.70 N 
3 1 "O4'" A C 12 ? ? "C1'" A C 12 ? ? N1 A C 12 ? ? 113.36 108.50 4.86 0.70 N 
# 
loop_
_pdbx_validate_planes.id 
_pdbx_validate_planes.PDB_model_num 
_pdbx_validate_planes.auth_comp_id 
_pdbx_validate_planes.auth_asym_id 
_pdbx_validate_planes.auth_seq_id 
_pdbx_validate_planes.PDB_ins_code 
_pdbx_validate_planes.label_alt_id 
_pdbx_validate_planes.rmsd 
_pdbx_validate_planes.type 
1 1 A A 6  ? ? 0.072 'SIDE CHAIN' 
2 1 U A 8  ? ? 0.061 'SIDE CHAIN' 
3 1 C A 10 ? ? 0.057 'SIDE CHAIN' 
# 
_pdbx_nmr_ensemble.entry_id                                      1HS3 
_pdbx_nmr_ensemble.conformers_calculated_total_number            30 
_pdbx_nmr_ensemble.conformers_submitted_total_number             1 
_pdbx_nmr_ensemble.conformer_selection_criteria                  'average structure of 30 conformers' 
_pdbx_nmr_ensemble.average_constraints_per_residue               ? 
_pdbx_nmr_ensemble.average_constraint_violations_per_residue     ? 
_pdbx_nmr_ensemble.maximum_distance_constraint_violation         ? 
_pdbx_nmr_ensemble.average_distance_constraint_violation         ? 
_pdbx_nmr_ensemble.maximum_upper_distance_constraint_violation   ? 
_pdbx_nmr_ensemble.maximum_lower_distance_constraint_violation   ? 
_pdbx_nmr_ensemble.distance_constraint_violation_method          ? 
_pdbx_nmr_ensemble.maximum_torsion_angle_constraint_violation    ? 
_pdbx_nmr_ensemble.average_torsion_angle_constraint_violation    ? 
_pdbx_nmr_ensemble.torsion_angle_constraint_violation_method     ? 
# 
_pdbx_nmr_sample_details.solution_id      1 
_pdbx_nmr_sample_details.contents         
;1 mM RNA oligomer - H2O; 
3 mM RNA oligomer - D2O
;
_pdbx_nmr_sample_details.solvent_system   ? 
# 
_pdbx_nmr_exptl_sample_conditions.conditions_id       1 
_pdbx_nmr_exptl_sample_conditions.temperature         303 
_pdbx_nmr_exptl_sample_conditions.pressure            '1.0 atm' 
_pdbx_nmr_exptl_sample_conditions.pH                  7.0 
_pdbx_nmr_exptl_sample_conditions.ionic_strength      '0.1 M NaCl, 0.01 M sodium phosphate' 
_pdbx_nmr_exptl_sample_conditions.pressure_units      ? 
_pdbx_nmr_exptl_sample_conditions.temperature_units   K 
# 
_pdbx_nmr_exptl.experiment_id   1 
_pdbx_nmr_exptl.solution_id     1 
_pdbx_nmr_exptl.conditions_id   1 
_pdbx_nmr_exptl.type            '2D NOESY' 
# 
_pdbx_nmr_refine.entry_id           1HS3 
_pdbx_nmr_refine.method             'restrained molecular dynamics & energy minimization' 
_pdbx_nmr_refine.details            ? 
_pdbx_nmr_refine.software_ordinal   1 
# 
loop_
_pdbx_nmr_software.name 
_pdbx_nmr_software.version 
_pdbx_nmr_software.classification 
_pdbx_nmr_software.authors 
_pdbx_nmr_software.ordinal 
Discover 'version 2.98' 'structure solution' MSI 1 
Discover 'version 2.98' refinement           MSI 2 
# 
loop_
_chem_comp_atom.comp_id 
_chem_comp_atom.atom_id 
_chem_comp_atom.type_symbol 
_chem_comp_atom.pdbx_aromatic_flag 
_chem_comp_atom.pdbx_stereo_config 
_chem_comp_atom.pdbx_ordinal 
A OP3    O N N 1   
A P      P N N 2   
A OP1    O N N 3   
A OP2    O N N 4   
A "O5'"  O N N 5   
A "C5'"  C N N 6   
A "C4'"  C N R 7   
A "O4'"  O N N 8   
A "C3'"  C N S 9   
A "O3'"  O N N 10  
A "C2'"  C N R 11  
A "O2'"  O N N 12  
A "C1'"  C N R 13  
A N9     N Y N 14  
A C8     C Y N 15  
A N7     N Y N 16  
A C5     C Y N 17  
A C6     C Y N 18  
A N6     N N N 19  
A N1     N Y N 20  
A C2     C Y N 21  
A N3     N Y N 22  
A C4     C Y N 23  
A HOP3   H N N 24  
A HOP2   H N N 25  
A "H5'"  H N N 26  
A "H5''" H N N 27  
A "H4'"  H N N 28  
A "H3'"  H N N 29  
A "HO3'" H N N 30  
A "H2'"  H N N 31  
A "HO2'" H N N 32  
A "H1'"  H N N 33  
A H8     H N N 34  
A H61    H N N 35  
A H62    H N N 36  
A H2     H N N 37  
C OP3    O N N 38  
C P      P N N 39  
C OP1    O N N 40  
C OP2    O N N 41  
C "O5'"  O N N 42  
C "C5'"  C N N 43  
C "C4'"  C N R 44  
C "O4'"  O N N 45  
C "C3'"  C N S 46  
C "O3'"  O N N 47  
C "C2'"  C N R 48  
C "O2'"  O N N 49  
C "C1'"  C N R 50  
C N1     N N N 51  
C C2     C N N 52  
C O2     O N N 53  
C N3     N N N 54  
C C4     C N N 55  
C N4     N N N 56  
C C5     C N N 57  
C C6     C N N 58  
C HOP3   H N N 59  
C HOP2   H N N 60  
C "H5'"  H N N 61  
C "H5''" H N N 62  
C "H4'"  H N N 63  
C "H3'"  H N N 64  
C "HO3'" H N N 65  
C "H2'"  H N N 66  
C "HO2'" H N N 67  
C "H1'"  H N N 68  
C H41    H N N 69  
C H42    H N N 70  
C H5     H N N 71  
C H6     H N N 72  
G OP3    O N N 73  
G P      P N N 74  
G OP1    O N N 75  
G OP2    O N N 76  
G "O5'"  O N N 77  
G "C5'"  C N N 78  
G "C4'"  C N R 79  
G "O4'"  O N N 80  
G "C3'"  C N S 81  
G "O3'"  O N N 82  
G "C2'"  C N R 83  
G "O2'"  O N N 84  
G "C1'"  C N R 85  
G N9     N Y N 86  
G C8     C Y N 87  
G N7     N Y N 88  
G C5     C Y N 89  
G C6     C N N 90  
G O6     O N N 91  
G N1     N N N 92  
G C2     C N N 93  
G N2     N N N 94  
G N3     N N N 95  
G C4     C Y N 96  
G HOP3   H N N 97  
G HOP2   H N N 98  
G "H5'"  H N N 99  
G "H5''" H N N 100 
G "H4'"  H N N 101 
G "H3'"  H N N 102 
G "HO3'" H N N 103 
G "H2'"  H N N 104 
G "HO2'" H N N 105 
G "H1'"  H N N 106 
G H8     H N N 107 
G H1     H N N 108 
G H21    H N N 109 
G H22    H N N 110 
U OP3    O N N 111 
U P      P N N 112 
U OP1    O N N 113 
U OP2    O N N 114 
U "O5'"  O N N 115 
U "C5'"  C N N 116 
U "C4'"  C N R 117 
U "O4'"  O N N 118 
U "C3'"  C N S 119 
U "O3'"  O N N 120 
U "C2'"  C N R 121 
U "O2'"  O N N 122 
U "C1'"  C N R 123 
U N1     N N N 124 
U C2     C N N 125 
U O2     O N N 126 
U N3     N N N 127 
U C4     C N N 128 
U O4     O N N 129 
U C5     C N N 130 
U C6     C N N 131 
U HOP3   H N N 132 
U HOP2   H N N 133 
U "H5'"  H N N 134 
U "H5''" H N N 135 
U "H4'"  H N N 136 
U "H3'"  H N N 137 
U "HO3'" H N N 138 
U "H2'"  H N N 139 
U "HO2'" H N N 140 
U "H1'"  H N N 141 
U H3     H N N 142 
U H5     H N N 143 
U H6     H N N 144 
# 
loop_
_chem_comp_bond.comp_id 
_chem_comp_bond.atom_id_1 
_chem_comp_bond.atom_id_2 
_chem_comp_bond.value_order 
_chem_comp_bond.pdbx_aromatic_flag 
_chem_comp_bond.pdbx_stereo_config 
_chem_comp_bond.pdbx_ordinal 
A OP3   P      sing N N 1   
A OP3   HOP3   sing N N 2   
A P     OP1    doub N N 3   
A P     OP2    sing N N 4   
A P     "O5'"  sing N N 5   
A OP2   HOP2   sing N N 6   
A "O5'" "C5'"  sing N N 7   
A "C5'" "C4'"  sing N N 8   
A "C5'" "H5'"  sing N N 9   
A "C5'" "H5''" sing N N 10  
A "C4'" "O4'"  sing N N 11  
A "C4'" "C3'"  sing N N 12  
A "C4'" "H4'"  sing N N 13  
A "O4'" "C1'"  sing N N 14  
A "C3'" "O3'"  sing N N 15  
A "C3'" "C2'"  sing N N 16  
A "C3'" "H3'"  sing N N 17  
A "O3'" "HO3'" sing N N 18  
A "C2'" "O2'"  sing N N 19  
A "C2'" "C1'"  sing N N 20  
A "C2'" "H2'"  sing N N 21  
A "O2'" "HO2'" sing N N 22  
A "C1'" N9     sing N N 23  
A "C1'" "H1'"  sing N N 24  
A N9    C8     sing Y N 25  
A N9    C4     sing Y N 26  
A C8    N7     doub Y N 27  
A C8    H8     sing N N 28  
A N7    C5     sing Y N 29  
A C5    C6     sing Y N 30  
A C5    C4     doub Y N 31  
A C6    N6     sing N N 32  
A C6    N1     doub Y N 33  
A N6    H61    sing N N 34  
A N6    H62    sing N N 35  
A N1    C2     sing Y N 36  
A C2    N3     doub Y N 37  
A C2    H2     sing N N 38  
A N3    C4     sing Y N 39  
C OP3   P      sing N N 40  
C OP3   HOP3   sing N N 41  
C P     OP1    doub N N 42  
C P     OP2    sing N N 43  
C P     "O5'"  sing N N 44  
C OP2   HOP2   sing N N 45  
C "O5'" "C5'"  sing N N 46  
C "C5'" "C4'"  sing N N 47  
C "C5'" "H5'"  sing N N 48  
C "C5'" "H5''" sing N N 49  
C "C4'" "O4'"  sing N N 50  
C "C4'" "C3'"  sing N N 51  
C "C4'" "H4'"  sing N N 52  
C "O4'" "C1'"  sing N N 53  
C "C3'" "O3'"  sing N N 54  
C "C3'" "C2'"  sing N N 55  
C "C3'" "H3'"  sing N N 56  
C "O3'" "HO3'" sing N N 57  
C "C2'" "O2'"  sing N N 58  
C "C2'" "C1'"  sing N N 59  
C "C2'" "H2'"  sing N N 60  
C "O2'" "HO2'" sing N N 61  
C "C1'" N1     sing N N 62  
C "C1'" "H1'"  sing N N 63  
C N1    C2     sing N N 64  
C N1    C6     sing N N 65  
C C2    O2     doub N N 66  
C C2    N3     sing N N 67  
C N3    C4     doub N N 68  
C C4    N4     sing N N 69  
C C4    C5     sing N N 70  
C N4    H41    sing N N 71  
C N4    H42    sing N N 72  
C C5    C6     doub N N 73  
C C5    H5     sing N N 74  
C C6    H6     sing N N 75  
G OP3   P      sing N N 76  
G OP3   HOP3   sing N N 77  
G P     OP1    doub N N 78  
G P     OP2    sing N N 79  
G P     "O5'"  sing N N 80  
G OP2   HOP2   sing N N 81  
G "O5'" "C5'"  sing N N 82  
G "C5'" "C4'"  sing N N 83  
G "C5'" "H5'"  sing N N 84  
G "C5'" "H5''" sing N N 85  
G "C4'" "O4'"  sing N N 86  
G "C4'" "C3'"  sing N N 87  
G "C4'" "H4'"  sing N N 88  
G "O4'" "C1'"  sing N N 89  
G "C3'" "O3'"  sing N N 90  
G "C3'" "C2'"  sing N N 91  
G "C3'" "H3'"  sing N N 92  
G "O3'" "HO3'" sing N N 93  
G "C2'" "O2'"  sing N N 94  
G "C2'" "C1'"  sing N N 95  
G "C2'" "H2'"  sing N N 96  
G "O2'" "HO2'" sing N N 97  
G "C1'" N9     sing N N 98  
G "C1'" "H1'"  sing N N 99  
G N9    C8     sing Y N 100 
G N9    C4     sing Y N 101 
G C8    N7     doub Y N 102 
G C8    H8     sing N N 103 
G N7    C5     sing Y N 104 
G C5    C6     sing N N 105 
G C5    C4     doub Y N 106 
G C6    O6     doub N N 107 
G C6    N1     sing N N 108 
G N1    C2     sing N N 109 
G N1    H1     sing N N 110 
G C2    N2     sing N N 111 
G C2    N3     doub N N 112 
G N2    H21    sing N N 113 
G N2    H22    sing N N 114 
G N3    C4     sing N N 115 
U OP3   P      sing N N 116 
U OP3   HOP3   sing N N 117 
U P     OP1    doub N N 118 
U P     OP2    sing N N 119 
U P     "O5'"  sing N N 120 
U OP2   HOP2   sing N N 121 
U "O5'" "C5'"  sing N N 122 
U "C5'" "C4'"  sing N N 123 
U "C5'" "H5'"  sing N N 124 
U "C5'" "H5''" sing N N 125 
U "C4'" "O4'"  sing N N 126 
U "C4'" "C3'"  sing N N 127 
U "C4'" "H4'"  sing N N 128 
U "O4'" "C1'"  sing N N 129 
U "C3'" "O3'"  sing N N 130 
U "C3'" "C2'"  sing N N 131 
U "C3'" "H3'"  sing N N 132 
U "O3'" "HO3'" sing N N 133 
U "C2'" "O2'"  sing N N 134 
U "C2'" "C1'"  sing N N 135 
U "C2'" "H2'"  sing N N 136 
U "O2'" "HO2'" sing N N 137 
U "C1'" N1     sing N N 138 
U "C1'" "H1'"  sing N N 139 
U N1    C2     sing N N 140 
U N1    C6     sing N N 141 
U C2    O2     doub N N 142 
U C2    N3     sing N N 143 
U N3    C4     sing N N 144 
U N3    H3     sing N N 145 
U C4    O4     doub N N 146 
U C4    C5     sing N N 147 
U C5    C6     doub N N 148 
U C5    H5     sing N N 149 
U C6    H6     sing N N 150 
# 
loop_
_ndb_struct_conf_na.entry_id 
_ndb_struct_conf_na.feature 
1HS3 'a-form double helix'  
1HS3 'hairpin loop'         
1HS3 'mismatched base pair' 
# 
loop_
_ndb_struct_na_base_pair.model_number 
_ndb_struct_na_base_pair.i_label_asym_id 
_ndb_struct_na_base_pair.i_label_comp_id 
_ndb_struct_na_base_pair.i_label_seq_id 
_ndb_struct_na_base_pair.i_symmetry 
_ndb_struct_na_base_pair.j_label_asym_id 
_ndb_struct_na_base_pair.j_label_comp_id 
_ndb_struct_na_base_pair.j_label_seq_id 
_ndb_struct_na_base_pair.j_symmetry 
_ndb_struct_na_base_pair.shear 
_ndb_struct_na_base_pair.stretch 
_ndb_struct_na_base_pair.stagger 
_ndb_struct_na_base_pair.buckle 
_ndb_struct_na_base_pair.propeller 
_ndb_struct_na_base_pair.opening 
_ndb_struct_na_base_pair.pair_number 
_ndb_struct_na_base_pair.pair_name 
_ndb_struct_na_base_pair.i_auth_asym_id 
_ndb_struct_na_base_pair.i_auth_seq_id 
_ndb_struct_na_base_pair.i_PDB_ins_code 
_ndb_struct_na_base_pair.j_auth_asym_id 
_ndb_struct_na_base_pair.j_auth_seq_id 
_ndb_struct_na_base_pair.j_PDB_ins_code 
_ndb_struct_na_base_pair.hbond_type_28 
_ndb_struct_na_base_pair.hbond_type_12 
1 A G 1 1_555 A C 12 1_555 -0.587 -0.133 0.076  -3.353 -17.479 -0.875 1 A_G1:C12_A A 1 ? A 12 ? 19 1 
1 A C 2 1_555 A G 11 1_555 -0.124 0.001  -0.040 6.104  -18.078 -0.704 2 A_C2:G11_A A 2 ? A 11 ? 19 1 
1 A G 3 1_555 A C 10 1_555 -0.001 -0.041 -0.268 -3.192 -21.561 2.689  3 A_G3:C10_A A 3 ? A 10 ? 19 1 
1 A U 4 1_555 A U 9  1_555 1.778  -1.726 0.478  6.058  -19.760 14.029 4 A_U4:U9_A  A 4 ? A 9  ? 16 1 
# 
loop_
_ndb_struct_na_base_pair_step.model_number 
_ndb_struct_na_base_pair_step.i_label_asym_id_1 
_ndb_struct_na_base_pair_step.i_label_comp_id_1 
_ndb_struct_na_base_pair_step.i_label_seq_id_1 
_ndb_struct_na_base_pair_step.i_symmetry_1 
_ndb_struct_na_base_pair_step.j_label_asym_id_1 
_ndb_struct_na_base_pair_step.j_label_comp_id_1 
_ndb_struct_na_base_pair_step.j_label_seq_id_1 
_ndb_struct_na_base_pair_step.j_symmetry_1 
_ndb_struct_na_base_pair_step.i_label_asym_id_2 
_ndb_struct_na_base_pair_step.i_label_comp_id_2 
_ndb_struct_na_base_pair_step.i_label_seq_id_2 
_ndb_struct_na_base_pair_step.i_symmetry_2 
_ndb_struct_na_base_pair_step.j_label_asym_id_2 
_ndb_struct_na_base_pair_step.j_label_comp_id_2 
_ndb_struct_na_base_pair_step.j_label_seq_id_2 
_ndb_struct_na_base_pair_step.j_symmetry_2 
_ndb_struct_na_base_pair_step.shift 
_ndb_struct_na_base_pair_step.slide 
_ndb_struct_na_base_pair_step.rise 
_ndb_struct_na_base_pair_step.tilt 
_ndb_struct_na_base_pair_step.roll 
_ndb_struct_na_base_pair_step.twist 
_ndb_struct_na_base_pair_step.x_displacement 
_ndb_struct_na_base_pair_step.y_displacement 
_ndb_struct_na_base_pair_step.helical_rise 
_ndb_struct_na_base_pair_step.inclination 
_ndb_struct_na_base_pair_step.tip 
_ndb_struct_na_base_pair_step.helical_twist 
_ndb_struct_na_base_pair_step.step_number 
_ndb_struct_na_base_pair_step.step_name 
_ndb_struct_na_base_pair_step.i_auth_asym_id_1 
_ndb_struct_na_base_pair_step.i_auth_seq_id_1 
_ndb_struct_na_base_pair_step.i_PDB_ins_code_1 
_ndb_struct_na_base_pair_step.j_auth_asym_id_1 
_ndb_struct_na_base_pair_step.j_auth_seq_id_1 
_ndb_struct_na_base_pair_step.j_PDB_ins_code_1 
_ndb_struct_na_base_pair_step.i_auth_asym_id_2 
_ndb_struct_na_base_pair_step.i_auth_seq_id_2 
_ndb_struct_na_base_pair_step.i_PDB_ins_code_2 
_ndb_struct_na_base_pair_step.j_auth_asym_id_2 
_ndb_struct_na_base_pair_step.j_auth_seq_id_2 
_ndb_struct_na_base_pair_step.j_PDB_ins_code_2 
1 A G 1 1_555 A C 12 1_555 A C 2 1_555 A G 11 1_555 -0.064 -1.837 2.912 1.210  -0.085 32.155 -3.300 0.307  2.912 -0.154 -2.183 
32.177 1 AA_G1C2:G11C12_AA A 1 ? A 12 ? A 2 ? A 11 ? 
1 A C 2 1_555 A G 11 1_555 A G 3 1_555 A C 10 1_555 0.199  -1.895 3.285 0.483  19.921 28.191 -5.790 -0.274 1.632 35.793 -0.868 
34.405 2 AA_C2G3:C10G11_AA A 2 ? A 11 ? A 3 ? A 10 ? 
1 A G 3 1_555 A C 10 1_555 A U 4 1_555 A U 9  1_555 0.516  -1.365 2.854 -6.641 1.815  37.219 -2.304 -1.522 2.659 2.815  10.297 
37.828 3 AA_G3U4:U9C10_AA  A 3 ? A 10 ? A 4 ? A 9  ? 
# 
_pdbx_nmr_spectrometer.spectrometer_id   1 
_pdbx_nmr_spectrometer.type              ? 
_pdbx_nmr_spectrometer.manufacturer      Varian 
_pdbx_nmr_spectrometer.model             INOVA 
_pdbx_nmr_spectrometer.field_strength    500 
# 
_atom_sites.entry_id                    1HS3 
_atom_sites.fract_transf_matrix[1][1]   1.000000 
_atom_sites.fract_transf_matrix[1][2]   0.000000 
_atom_sites.fract_transf_matrix[1][3]   0.000000 
_atom_sites.fract_transf_matrix[2][1]   0.000000 
_atom_sites.fract_transf_matrix[2][2]   1.000000 
_atom_sites.fract_transf_matrix[2][3]   0.000000 
_atom_sites.fract_transf_matrix[3][1]   0.000000 
_atom_sites.fract_transf_matrix[3][2]   0.000000 
_atom_sites.fract_transf_matrix[3][3]   1.000000 
_atom_sites.fract_transf_vector[1]      0.00000 
_atom_sites.fract_transf_vector[2]      0.00000 
_atom_sites.fract_transf_vector[3]      0.00000 
# 
loop_
_atom_type.symbol 
C 
H 
N 
O 
P 
# 
loop_
_atom_site.group_PDB 
_atom_site.id 
_atom_site.type_symbol 
_atom_site.label_atom_id 
_atom_site.label_alt_id 
_atom_site.label_comp_id 
_atom_site.label_asym_id 
_atom_site.label_entity_id 
_atom_site.label_seq_id 
_atom_site.pdbx_PDB_ins_code 
_atom_site.Cartn_x 
_atom_site.Cartn_y 
_atom_site.Cartn_z 
_atom_site.occupancy 
_atom_site.B_iso_or_equiv 
_atom_site.pdbx_formal_charge 
_atom_site.auth_seq_id 
_atom_site.auth_comp_id 
_atom_site.auth_asym_id 
_atom_site.auth_atom_id 
_atom_site.pdbx_PDB_model_num 
ATOM 1   O "O5'"  . G A 1 1  ? 3.880  -12.192 -7.786  1.00 0.00 ? 1  G A "O5'"  1 
ATOM 2   C "C5'"  . G A 1 1  ? 4.272  -10.972 -7.193  1.00 0.00 ? 1  G A "C5'"  1 
ATOM 3   C "C4'"  . G A 1 1  ? 3.959  -9.800  -8.132  1.00 0.00 ? 1  G A "C4'"  1 
ATOM 4   O "O4'"  . G A 1 1  ? 2.561  -9.606  -8.282  1.00 0.00 ? 1  G A "O4'"  1 
ATOM 5   C "C3'"  . G A 1 1  ? 4.486  -8.474  -7.588  1.00 0.00 ? 1  G A "C3'"  1 
ATOM 6   O "O3'"  . G A 1 1  ? 5.890  -8.343  -7.771  1.00 0.00 ? 1  G A "O3'"  1 
ATOM 7   C "C2'"  . G A 1 1  ? 3.648  -7.493  -8.409  1.00 0.00 ? 1  G A "C2'"  1 
ATOM 8   O "O2'"  . G A 1 1  ? 4.140  -7.343  -9.727  1.00 0.00 ? 1  G A "O2'"  1 
ATOM 9   C "C1'"  . G A 1 1  ? 2.295  -8.219  -8.449  1.00 0.00 ? 1  G A "C1'"  1 
ATOM 10  N N9     . G A 1 1  ? 1.408  -7.706  -7.373  1.00 0.00 ? 1  G A N9     1 
ATOM 11  C C8     . G A 1 1  ? 1.040  -8.284  -6.179  1.00 0.00 ? 1  G A C8     1 
ATOM 12  N N7     . G A 1 1  ? 0.234  -7.555  -5.458  1.00 0.00 ? 1  G A N7     1 
ATOM 13  C C5     . G A 1 1  ? 0.050  -6.405  -6.215  1.00 0.00 ? 1  G A C5     1 
ATOM 14  C C6     . G A 1 1  ? -0.746 -5.237  -5.958  1.00 0.00 ? 1  G A C6     1 
ATOM 15  O O6     . G A 1 1  ? -1.453 -5.006  -4.981  1.00 0.00 ? 1  G A O6     1 
ATOM 16  N N1     . G A 1 1  ? -0.665 -4.287  -6.984  1.00 0.00 ? 1  G A N1     1 
ATOM 17  C C2     . G A 1 1  ? 0.107  -4.440  -8.132  1.00 0.00 ? 1  G A C2     1 
ATOM 18  N N2     . G A 1 1  ? 0.078  -3.449  -9.030  1.00 0.00 ? 1  G A N2     1 
ATOM 19  N N3     . G A 1 1  ? 0.852  -5.540  -8.371  1.00 0.00 ? 1  G A N3     1 
ATOM 20  C C4     . G A 1 1  ? 0.779  -6.484  -7.384  1.00 0.00 ? 1  G A C4     1 
ATOM 21  H "H5'"  . G A 1 1  ? 5.345  -11.008 -7.003  1.00 0.00 ? 1  G A "H5'"  1 
ATOM 22  H "H5''" . G A 1 1  ? 3.748  -10.845 -6.244  1.00 0.00 ? 1  G A "H5''" 1 
ATOM 23  H "H4'"  . G A 1 1  ? 4.396  -9.991  -9.114  1.00 0.00 ? 1  G A "H4'"  1 
ATOM 24  H "H3'"  . G A 1 1  ? 4.211  -8.395  -6.533  1.00 0.00 ? 1  G A "H3'"  1 
ATOM 25  H "H2'"  . G A 1 1  ? 3.593  -6.514  -7.935  1.00 0.00 ? 1  G A "H2'"  1 
ATOM 26  H "HO2'" . G A 1 1  ? 4.154  -8.202  -10.154 1.00 0.00 ? 1  G A "HO2'" 1 
ATOM 27  H "H1'"  . G A 1 1  ? 1.795  -8.063  -9.408  1.00 0.00 ? 1  G A "H1'"  1 
ATOM 28  H H8     . G A 1 1  ? 1.383  -9.258  -5.863  1.00 0.00 ? 1  G A H8     1 
ATOM 29  H H1     . G A 1 1  ? -1.203 -3.440  -6.870  1.00 0.00 ? 1  G A H1     1 
ATOM 30  H H21    . G A 1 1  ? -0.492 -2.632  -8.863  1.00 0.00 ? 1  G A H21    1 
ATOM 31  H H22    . G A 1 1  ? 0.619  -3.523  -9.879  1.00 0.00 ? 1  G A H22    1 
ATOM 32  H "HO5'" . G A 1 1  ? 4.132  -12.909 -7.200  1.00 0.00 ? 1  G A "HO5'" 1 
ATOM 33  P P      . C A 1 2  ? 6.780  -7.279  -6.937  1.00 0.00 ? 2  C A P      1 
ATOM 34  O OP1    . C A 1 2  ? 8.183  -7.389  -7.398  1.00 0.00 ? 2  C A OP1    1 
ATOM 35  O OP2    . C A 1 2  ? 6.470  -7.446  -5.499  1.00 0.00 ? 2  C A OP2    1 
ATOM 36  O "O5'"  . C A 1 2  ? 6.202  -5.847  -7.402  1.00 0.00 ? 2  C A "O5'"  1 
ATOM 37  C "C5'"  . C A 1 2  ? 6.488  -5.277  -8.668  1.00 0.00 ? 2  C A "C5'"  1 
ATOM 38  C "C4'"  . C A 1 2  ? 5.725  -3.954  -8.813  1.00 0.00 ? 2  C A "C4'"  1 
ATOM 39  O "O4'"  . C A 1 2  ? 4.324  -4.109  -8.661  1.00 0.00 ? 2  C A "O4'"  1 
ATOM 40  C "C3'"  . C A 1 2  ? 6.130  -2.936  -7.749  1.00 0.00 ? 2  C A "C3'"  1 
ATOM 41  O "O3'"  . C A 1 2  ? 7.411  -2.392  -8.038  1.00 0.00 ? 2  C A "O3'"  1 
ATOM 42  C "C2'"  . C A 1 2  ? 4.959  -1.958  -7.845  1.00 0.00 ? 2  C A "C2'"  1 
ATOM 43  O "O2'"  . C A 1 2  ? 5.132  -1.058  -8.923  1.00 0.00 ? 2  C A "O2'"  1 
ATOM 44  C "C1'"  . C A 1 2  ? 3.778  -2.909  -8.121  1.00 0.00 ? 2  C A "C1'"  1 
ATOM 45  N N1     . C A 1 2  ? 2.991  -3.155  -6.867  1.00 0.00 ? 2  C A N1     1 
ATOM 46  C C2     . C A 1 2  ? 1.982  -2.236  -6.527  1.00 0.00 ? 2  C A C2     1 
ATOM 47  O O2     . C A 1 2  ? 1.727  -1.278  -7.253  1.00 0.00 ? 2  C A O2     1 
ATOM 48  N N3     . C A 1 2  ? 1.282  -2.430  -5.365  1.00 0.00 ? 2  C A N3     1 
ATOM 49  C C4     . C A 1 2  ? 1.550  -3.465  -4.544  1.00 0.00 ? 2  C A C4     1 
ATOM 50  N N4     . C A 1 2  ? 0.843  -3.594  -3.413  1.00 0.00 ? 2  C A N4     1 
ATOM 51  C C5     . C A 1 2  ? 2.593  -4.410  -4.859  1.00 0.00 ? 2  C A C5     1 
ATOM 52  C C6     . C A 1 2  ? 3.277  -4.209  -6.015  1.00 0.00 ? 2  C A C6     1 
ATOM 53  H "H5'"  . C A 1 2  ? 6.202  -5.950  -9.475  1.00 0.00 ? 2  C A "H5'"  1 
ATOM 54  H "H5''" . C A 1 2  ? 7.558  -5.077  -8.749  1.00 0.00 ? 2  C A "H5''" 1 
ATOM 55  H "H4'"  . C A 1 2  ? 5.915  -3.538  -9.805  1.00 0.00 ? 2  C A "H4'"  1 
ATOM 56  H "H3'"  . C A 1 2  ? 6.116  -3.410  -6.765  1.00 0.00 ? 2  C A "H3'"  1 
ATOM 57  H "H2'"  . C A 1 2  ? 4.835  -1.388  -6.924  1.00 0.00 ? 2  C A "H2'"  1 
ATOM 58  H "HO2'" . C A 1 2  ? 5.911  -0.525  -8.748  1.00 0.00 ? 2  C A "HO2'" 1 
ATOM 59  H "H1'"  . C A 1 2  ? 3.125  -2.494  -8.892  1.00 0.00 ? 2  C A "H1'"  1 
ATOM 60  H H41    . C A 1 2  ? 0.122  -2.923  -3.191  1.00 0.00 ? 2  C A H41    1 
ATOM 61  H H42    . C A 1 2  ? 1.030  -4.361  -2.782  1.00 0.00 ? 2  C A H42    1 
ATOM 62  H H5     . C A 1 2  ? 2.849  -5.249  -4.226  1.00 0.00 ? 2  C A H5     1 
ATOM 63  H H6     . C A 1 2  ? 4.069  -4.897  -6.260  1.00 0.00 ? 2  C A H6     1 
ATOM 64  P P      . G A 1 3  ? 8.254  -1.541  -6.956  1.00 0.00 ? 3  G A P      1 
ATOM 65  O OP1    . G A 1 3  ? 9.548  -1.164  -7.567  1.00 0.00 ? 3  G A OP1    1 
ATOM 66  O OP2    . G A 1 3  ? 8.232  -2.274  -5.670  1.00 0.00 ? 3  G A OP2    1 
ATOM 67  O "O5'"  . G A 1 3  ? 7.356  -0.209  -6.819  1.00 0.00 ? 3  G A "O5'"  1 
ATOM 68  C "C5'"  . G A 1 3  ? 7.287  0.525   -5.613  1.00 0.00 ? 3  G A "C5'"  1 
ATOM 69  C "C4'"  . G A 1 3  ? 6.242  1.634   -5.762  1.00 0.00 ? 3  G A "C4'"  1 
ATOM 70  O "O4'"  . G A 1 3  ? 4.972  1.103   -6.116  1.00 0.00 ? 3  G A "O4'"  1 
ATOM 71  C "C3'"  . G A 1 3  ? 6.048  2.385   -4.443  1.00 0.00 ? 3  G A "C3'"  1 
ATOM 72  O "O3'"  . G A 1 3  ? 6.986  3.441   -4.293  1.00 0.00 ? 3  G A "O3'"  1 
ATOM 73  C "C2'"  . G A 1 3  ? 4.608  2.867   -4.593  1.00 0.00 ? 3  G A "C2'"  1 
ATOM 74  O "O2'"  . G A 1 3  ? 4.517  3.997   -5.442  1.00 0.00 ? 3  G A "O2'"  1 
ATOM 75  C "C1'"  . G A 1 3  ? 3.969  1.651   -5.275  1.00 0.00 ? 3  G A "C1'"  1 
ATOM 76  N N9     . G A 1 3  ? 3.507  0.649   -4.277  1.00 0.00 ? 3  G A N9     1 
ATOM 77  C C8     . G A 1 3  ? 3.934  -0.638  -4.044  1.00 0.00 ? 3  G A C8     1 
ATOM 78  N N7     . G A 1 3  ? 3.270  -1.267  -3.115  1.00 0.00 ? 3  G A N7     1 
ATOM 79  C C5     . G A 1 3  ? 2.325  -0.339  -2.693  1.00 0.00 ? 3  G A C5     1 
ATOM 80  C C6     . G A 1 3  ? 1.296  -0.446  -1.696  1.00 0.00 ? 3  G A C6     1 
ATOM 81  O O6     . G A 1 3  ? 0.993  -1.424  -1.020  1.00 0.00 ? 3  G A O6     1 
ATOM 82  N N1     . G A 1 3  ? 0.586  0.749   -1.523  1.00 0.00 ? 3  G A N1     1 
ATOM 83  C C2     . G A 1 3  ? 0.823  1.912   -2.247  1.00 0.00 ? 3  G A C2     1 
ATOM 84  N N2     . G A 1 3  ? 0.042  2.969   -1.992  1.00 0.00 ? 3  G A N2     1 
ATOM 85  N N3     . G A 1 3  ? 1.770  1.998   -3.203  1.00 0.00 ? 3  G A N3     1 
ATOM 86  C C4     . G A 1 3  ? 2.487  0.847   -3.377  1.00 0.00 ? 3  G A C4     1 
ATOM 87  H "H5'"  . G A 1 3  ? 8.259  0.967   -5.387  1.00 0.00 ? 3  G A "H5'"  1 
ATOM 88  H "H5''" . G A 1 3  ? 6.994  -0.131  -4.790  1.00 0.00 ? 3  G A "H5''" 1 
ATOM 89  H "H4'"  . G A 1 3  ? 6.545  2.328   -6.548  1.00 0.00 ? 3  G A "H4'"  1 
ATOM 90  H "H3'"  . G A 1 3  ? 6.093  1.670   -3.616  1.00 0.00 ? 3  G A "H3'"  1 
ATOM 91  H "H2'"  . G A 1 3  ? 4.163  3.108   -3.630  1.00 0.00 ? 3  G A "H2'"  1 
ATOM 92  H "HO2'" . G A 1 3  ? 4.882  3.766   -6.300  1.00 0.00 ? 3  G A "HO2'" 1 
ATOM 93  H "H1'"  . G A 1 3  ? 3.109  1.946   -5.881  1.00 0.00 ? 3  G A "H1'"  1 
ATOM 94  H H8     . G A 1 3  ? 4.747  -1.104  -4.580  1.00 0.00 ? 3  G A H8     1 
ATOM 95  H H1     . G A 1 3  ? -0.152 0.746   -0.836  1.00 0.00 ? 3  G A H1     1 
ATOM 96  H H21    . G A 1 3  ? -0.680 2.909   -1.287  1.00 0.00 ? 3  G A H21    1 
ATOM 97  H H22    . G A 1 3  ? 0.174  3.827   -2.508  1.00 0.00 ? 3  G A H22    1 
ATOM 98  P P      . U A 1 4  ? 7.620  3.832   -2.858  1.00 0.00 ? 4  U A P      1 
ATOM 99  O OP1    . U A 1 4  ? 8.366  5.100   -3.010  1.00 0.00 ? 4  U A OP1    1 
ATOM 100 O OP2    . U A 1 4  ? 8.310  2.636   -2.324  1.00 0.00 ? 4  U A OP2    1 
ATOM 101 O "O5'"  . U A 1 4  ? 6.319  4.104   -1.941  1.00 0.00 ? 4  U A "O5'"  1 
ATOM 102 C "C5'"  . U A 1 4  ? 5.522  5.268   -2.070  1.00 0.00 ? 4  U A "C5'"  1 
ATOM 103 C "C4'"  . U A 1 4  ? 4.350  5.209   -1.080  1.00 0.00 ? 4  U A "C4'"  1 
ATOM 104 O "O4'"  . U A 1 4  ? 3.453  4.149   -1.364  1.00 0.00 ? 4  U A "O4'"  1 
ATOM 105 C "C3'"  . U A 1 4  ? 4.788  4.965   0.364   1.00 0.00 ? 4  U A "C3'"  1 
ATOM 106 O "O3'"  . U A 1 4  ? 5.395  6.110   0.943   1.00 0.00 ? 4  U A "O3'"  1 
ATOM 107 C "C2'"  . U A 1 4  ? 3.451  4.565   0.982   1.00 0.00 ? 4  U A "C2'"  1 
ATOM 108 O "O2'"  . U A 1 4  ? 2.621  5.690   1.202   1.00 0.00 ? 4  U A "O2'"  1 
ATOM 109 C "C1'"  . U A 1 4  ? 2.860  3.705   -0.146  1.00 0.00 ? 4  U A "C1'"  1 
ATOM 110 N N1     . U A 1 4  ? 3.099  2.253   0.125   1.00 0.00 ? 4  U A N1     1 
ATOM 111 C C2     . U A 1 4  ? 2.259  1.633   1.064   1.00 0.00 ? 4  U A C2     1 
ATOM 112 O O2     . U A 1 4  ? 1.374  2.240   1.663   1.00 0.00 ? 4  U A O2     1 
ATOM 113 N N3     . U A 1 4  ? 2.479  0.276   1.302   1.00 0.00 ? 4  U A N3     1 
ATOM 114 C C4     . U A 1 4  ? 3.492  -0.494  0.731   1.00 0.00 ? 4  U A C4     1 
ATOM 115 O O4     . U A 1 4  ? 3.598  -1.684  1.017   1.00 0.00 ? 4  U A O4     1 
ATOM 116 C C5     . U A 1 4  ? 4.353  0.233   -0.193  1.00 0.00 ? 4  U A C5     1 
ATOM 117 C C6     . U A 1 4  ? 4.136  1.548   -0.466  1.00 0.00 ? 4  U A C6     1 
ATOM 118 H "H5'"  . U A 1 4  ? 5.131  5.360   -3.085  1.00 0.00 ? 4  U A "H5'"  1 
ATOM 119 H "H5''" . U A 1 4  ? 6.123  6.151   -1.843  1.00 0.00 ? 4  U A "H5''" 1 
ATOM 120 H "H4'"  . U A 1 4  ? 3.794  6.147   -1.142  1.00 0.00 ? 4  U A "H4'"  1 
ATOM 121 H "H3'"  . U A 1 4  ? 5.461  4.105   0.398   1.00 0.00 ? 4  U A "H3'"  1 
ATOM 122 H "H2'"  . U A 1 4  ? 3.578  4.023   1.919   1.00 0.00 ? 4  U A "H2'"  1 
ATOM 123 H "HO2'" . U A 1 4  ? 1.771  5.384   1.526   1.00 0.00 ? 4  U A "HO2'" 1 
ATOM 124 H "H1'"  . U A 1 4  ? 1.787  3.884   -0.225  1.00 0.00 ? 4  U A "H1'"  1 
ATOM 125 H H3     . U A 1 4  ? 1.865  -0.185  1.957   1.00 0.00 ? 4  U A H3     1 
ATOM 126 H H5     . U A 1 4  ? 5.167  -0.284  -0.679  1.00 0.00 ? 4  U A H5     1 
ATOM 127 H H6     . U A 1 4  ? 4.796  2.038   -1.165  1.00 0.00 ? 4  U A H6     1 
ATOM 128 P P      . U A 1 5  ? 6.279  6.017   2.294   1.00 0.00 ? 5  U A P      1 
ATOM 129 O OP1    . U A 1 5  ? 6.776  7.374   2.613   1.00 0.00 ? 5  U A OP1    1 
ATOM 130 O OP2    . U A 1 5  ? 7.246  4.906   2.139   1.00 0.00 ? 5  U A OP2    1 
ATOM 131 O "O5'"  . U A 1 5  ? 5.204  5.585   3.418   1.00 0.00 ? 5  U A "O5'"  1 
ATOM 132 C "C5'"  . U A 1 5  ? 4.274  6.495   3.978   1.00 0.00 ? 5  U A "C5'"  1 
ATOM 133 C "C4'"  . U A 1 5  ? 3.484  5.813   5.104   1.00 0.00 ? 5  U A "C4'"  1 
ATOM 134 O "O4'"  . U A 1 5  ? 2.665  4.749   4.655   1.00 0.00 ? 5  U A "O4'"  1 
ATOM 135 C "C3'"  . U A 1 5  ? 4.398  5.175   6.149   1.00 0.00 ? 5  U A "C3'"  1 
ATOM 136 O "O3'"  . U A 1 5  ? 5.054  6.169   6.922   1.00 0.00 ? 5  U A "O3'"  1 
ATOM 137 C "C2'"  . U A 1 5  ? 3.397  4.286   6.887   1.00 0.00 ? 5  U A "C2'"  1 
ATOM 138 O "O2'"  . U A 1 5  ? 2.659  5.019   7.848   1.00 0.00 ? 5  U A "O2'"  1 
ATOM 139 C "C1'"  . U A 1 5  ? 2.481  3.829   5.731   1.00 0.00 ? 5  U A "C1'"  1 
ATOM 140 N N1     . U A 1 5  ? 2.798  2.426   5.312   1.00 0.00 ? 5  U A N1     1 
ATOM 141 C C2     . U A 1 5  ? 2.114  1.373   5.945   1.00 0.00 ? 5  U A C2     1 
ATOM 142 O O2     . U A 1 5  ? 1.288  1.546   6.837   1.00 0.00 ? 5  U A O2     1 
ATOM 143 N N3     . U A 1 5  ? 2.410  0.083   5.504   1.00 0.00 ? 5  U A N3     1 
ATOM 144 C C4     . U A 1 5  ? 3.335  -0.248  4.515   1.00 0.00 ? 5  U A C4     1 
ATOM 145 O O4     . U A 1 5  ? 3.483  -1.419  4.174   1.00 0.00 ? 5  U A O4     1 
ATOM 146 C C5     . U A 1 5  ? 4.058  0.889   3.967   1.00 0.00 ? 5  U A C5     1 
ATOM 147 C C6     . U A 1 5  ? 3.775  2.158   4.366   1.00 0.00 ? 5  U A C6     1 
ATOM 148 H "H5'"  . U A 1 5  ? 3.587  6.872   3.221   1.00 0.00 ? 5  U A "H5'"  1 
ATOM 149 H "H5''" . U A 1 5  ? 4.808  7.344   4.411   1.00 0.00 ? 5  U A "H5''" 1 
ATOM 150 H "H4'"  . U A 1 5  ? 2.842  6.557   5.579   1.00 0.00 ? 5  U A "H4'"  1 
ATOM 151 H "H3'"  . U A 1 5  ? 5.126  4.531   5.650   1.00 0.00 ? 5  U A "H3'"  1 
ATOM 152 H "H2'"  . U A 1 5  ? 3.897  3.458   7.387   1.00 0.00 ? 5  U A "H2'"  1 
ATOM 153 H "HO2'" . U A 1 5  ? 2.214  5.748   7.408   1.00 0.00 ? 5  U A "HO2'" 1 
ATOM 154 H "H1'"  . U A 1 5  ? 1.433  3.903   6.029   1.00 0.00 ? 5  U A "H1'"  1 
ATOM 155 H H3     . U A 1 5  ? 1.905  -0.678  5.937   1.00 0.00 ? 5  U A H3     1 
ATOM 156 H H5     . U A 1 5  ? 4.824  0.725   3.223   1.00 0.00 ? 5  U A H5     1 
ATOM 157 H H6     . U A 1 5  ? 4.338  2.969   3.930   1.00 0.00 ? 5  U A H6     1 
ATOM 158 P P      . A A 1 6  ? 6.326  5.843   7.863   1.00 0.00 ? 6  A A P      1 
ATOM 159 O OP1    . A A 1 6  ? 6.897  7.131   8.317   1.00 0.00 ? 6  A A OP1    1 
ATOM 160 O OP2    . A A 1 6  ? 7.191  4.858   7.176   1.00 0.00 ? 6  A A OP2    1 
ATOM 161 O "O5'"  . A A 1 6  ? 5.644  5.126   9.132   1.00 0.00 ? 6  A A "O5'"  1 
ATOM 162 C "C5'"  . A A 1 6  ? 6.407  4.662   10.229  1.00 0.00 ? 6  A A "C5'"  1 
ATOM 163 C "C4'"  . A A 1 6  ? 5.479  4.032   11.272  1.00 0.00 ? 6  A A "C4'"  1 
ATOM 164 O "O4'"  . A A 1 6  ? 4.545  4.971   11.772  1.00 0.00 ? 6  A A "O4'"  1 
ATOM 165 C "C3'"  . A A 1 6  ? 4.612  2.905   10.711  1.00 0.00 ? 6  A A "C3'"  1 
ATOM 166 O "O3'"  . A A 1 6  ? 5.354  1.710   10.498  1.00 0.00 ? 6  A A "O3'"  1 
ATOM 167 C "C2'"  . A A 1 6  ? 3.569  2.802   11.823  1.00 0.00 ? 6  A A "C2'"  1 
ATOM 168 O "O2'"  . A A 1 6  ? 4.049  2.012   12.895  1.00 0.00 ? 6  A A "O2'"  1 
ATOM 169 C "C1'"  . A A 1 6  ? 3.429  4.261   12.289  1.00 0.00 ? 6  A A "C1'"  1 
ATOM 170 N N9     . A A 1 6  ? 2.143  4.867   11.854  1.00 0.00 ? 6  A A N9     1 
ATOM 171 C C8     . A A 1 6  ? 1.909  5.889   10.962  1.00 0.00 ? 6  A A C8     1 
ATOM 172 N N7     . A A 1 6  ? 0.673  6.306   10.933  1.00 0.00 ? 6  A A N7     1 
ATOM 173 C C5     . A A 1 6  ? 0.026  5.497   11.860  1.00 0.00 ? 6  A A C5     1 
ATOM 174 C C6     . A A 1 6  ? -1.307 5.442   12.351  1.00 0.00 ? 6  A A C6     1 
ATOM 175 N N6     . A A 1 6  ? -2.266 6.295   11.965  1.00 0.00 ? 6  A A N6     1 
ATOM 176 N N1     . A A 1 6  ? -1.629 4.485   13.258  1.00 0.00 ? 6  A A N1     1 
ATOM 177 C C2     . A A 1 6  ? -0.678 3.636   13.672  1.00 0.00 ? 6  A A C2     1 
ATOM 178 N N3     . A A 1 6  ? 0.610  3.608   13.310  1.00 0.00 ? 6  A A N3     1 
ATOM 179 C C4     . A A 1 6  ? 0.909  4.579   12.391  1.00 0.00 ? 6  A A C4     1 
ATOM 180 H "H5'"  . A A 1 6  ? 6.952  5.490   10.688  1.00 0.00 ? 6  A A "H5'"  1 
ATOM 181 H "H5''" . A A 1 6  ? 7.124  3.910   9.894   1.00 0.00 ? 6  A A "H5''" 1 
ATOM 182 H "H4'"  . A A 1 6  ? 6.079  3.661   12.107  1.00 0.00 ? 6  A A "H4'"  1 
ATOM 183 H "H3'"  . A A 1 6  ? 4.122  3.245   9.795   1.00 0.00 ? 6  A A "H3'"  1 
ATOM 184 H "H2'"  . A A 1 6  ? 2.638  2.385   11.446  1.00 0.00 ? 6  A A "H2'"  1 
ATOM 185 H "HO2'" . A A 1 6  ? 4.434  1.211   12.533  1.00 0.00 ? 6  A A "HO2'" 1 
ATOM 186 H "H1'"  . A A 1 6  ? 3.471  4.321   13.378  1.00 0.00 ? 6  A A "H1'"  1 
ATOM 187 H H8     . A A 1 6  ? 2.685  6.336   10.358  1.00 0.00 ? 6  A A H8     1 
ATOM 188 H H61    . A A 1 6  ? -3.199 6.203   12.339  1.00 0.00 ? 6  A A H61    1 
ATOM 189 H H62    . A A 1 6  ? -2.062 7.013   11.285  1.00 0.00 ? 6  A A H62    1 
ATOM 190 H H2     . A A 1 6  ? -0.987 2.892   14.390  1.00 0.00 ? 6  A A H2     1 
ATOM 191 P P      . A A 1 7  ? 4.891  0.574   9.439   1.00 0.00 ? 7  A A P      1 
ATOM 192 O OP1    . A A 1 7  ? 5.748  -0.616  9.641   1.00 0.00 ? 7  A A OP1    1 
ATOM 193 O OP2    . A A 1 7  ? 4.815  1.195   8.098   1.00 0.00 ? 7  A A OP2    1 
ATOM 194 O "O5'"  . A A 1 7  ? 3.386  0.209   9.901   1.00 0.00 ? 7  A A "O5'"  1 
ATOM 195 C "C5'"  . A A 1 7  ? 3.107  -0.713  10.941  1.00 0.00 ? 7  A A "C5'"  1 
ATOM 196 C "C4'"  . A A 1 7  ? 1.598  -0.761  11.218  1.00 0.00 ? 7  A A "C4'"  1 
ATOM 197 O "O4'"  . A A 1 7  ? 1.088  0.476   11.684  1.00 0.00 ? 7  A A "O4'"  1 
ATOM 198 C "C3'"  . A A 1 7  ? 0.767  -1.088  9.978   1.00 0.00 ? 7  A A "C3'"  1 
ATOM 199 O "O3'"  . A A 1 7  ? 0.886  -2.464  9.645   1.00 0.00 ? 7  A A "O3'"  1 
ATOM 200 C "C2'"  . A A 1 7  ? -0.618 -0.657  10.463  1.00 0.00 ? 7  A A "C2'"  1 
ATOM 201 O "O2'"  . A A 1 7  ? -1.201 -1.621  11.321  1.00 0.00 ? 7  A A "O2'"  1 
ATOM 202 C "C1'"  . A A 1 7  ? -0.272 0.598   11.285  1.00 0.00 ? 7  A A "C1'"  1 
ATOM 203 N N9     . A A 1 7  ? -0.472 1.830   10.480  1.00 0.00 ? 7  A A N9     1 
ATOM 204 C C8     . A A 1 7  ? 0.386  2.450   9.604   1.00 0.00 ? 7  A A C8     1 
ATOM 205 N N7     . A A 1 7  ? -0.109 3.503   9.013   1.00 0.00 ? 7  A A N7     1 
ATOM 206 C C5     . A A 1 7  ? -1.396 3.595   9.528   1.00 0.00 ? 7  A A C5     1 
ATOM 207 C C6     . A A 1 7  ? -2.472 4.502   9.318   1.00 0.00 ? 7  A A C6     1 
ATOM 208 N N6     . A A 1 7  ? -2.397 5.546   8.481   1.00 0.00 ? 7  A A N6     1 
ATOM 209 N N1     . A A 1 7  ? -3.626 4.316   10.009  1.00 0.00 ? 7  A A N1     1 
ATOM 210 C C2     . A A 1 7  ? -3.714 3.289   10.862  1.00 0.00 ? 7  A A C2     1 
ATOM 211 N N3     . A A 1 7  ? -2.780 2.369   11.139  1.00 0.00 ? 7  A A N3     1 
ATOM 212 C C4     . A A 1 7  ? -1.625 2.580   10.432  1.00 0.00 ? 7  A A C4     1 
ATOM 213 H "H5'"  . A A 1 7  ? 3.628  -0.441  11.858  1.00 0.00 ? 7  A A "H5'"  1 
ATOM 214 H "H5''" . A A 1 7  ? 3.438  -1.709  10.638  1.00 0.00 ? 7  A A "H5''" 1 
ATOM 215 H "H4'"  . A A 1 7  ? 1.411  -1.510  11.991  1.00 0.00 ? 7  A A "H4'"  1 
ATOM 216 H "H3'"  . A A 1 7  ? 1.069  -0.433  9.156   1.00 0.00 ? 7  A A "H3'"  1 
ATOM 217 H "H2'"  . A A 1 7  ? -1.287 -0.453  9.628   1.00 0.00 ? 7  A A "H2'"  1 
ATOM 218 H "HO2'" . A A 1 7  ? -1.449 -2.389  10.805  1.00 0.00 ? 7  A A "HO2'" 1 
ATOM 219 H "H1'"  . A A 1 7  ? -0.890 0.658   12.184  1.00 0.00 ? 7  A A "H1'"  1 
ATOM 220 H H8     . A A 1 7  ? 1.387  2.095   9.412   1.00 0.00 ? 7  A A H8     1 
ATOM 221 H H61    . A A 1 7  ? -3.190 6.162   8.378   1.00 0.00 ? 7  A A H61    1 
ATOM 222 H H62    . A A 1 7  ? -1.549 5.718   7.959   1.00 0.00 ? 7  A A H62    1 
ATOM 223 H H2     . A A 1 7  ? -4.653 3.181   11.384  1.00 0.00 ? 7  A A H2     1 
ATOM 224 P P      . U A 1 8  ? 0.930  -2.999  8.117   1.00 0.00 ? 8  U A P      1 
ATOM 225 O OP1    . U A 1 8  ? 1.279  -4.437  8.152   1.00 0.00 ? 8  U A OP1    1 
ATOM 226 O OP2    . U A 1 8  ? 1.761  -2.072  7.316   1.00 0.00 ? 8  U A OP2    1 
ATOM 227 O "O5'"  . U A 1 8  ? -0.597 -2.868  7.608   1.00 0.00 ? 8  U A "O5'"  1 
ATOM 228 C "C5'"  . U A 1 8  ? -1.666 -3.554  8.237   1.00 0.00 ? 8  U A "C5'"  1 
ATOM 229 C "C4'"  . U A 1 8  ? -2.798 -3.782  7.229   1.00 0.00 ? 8  U A "C4'"  1 
ATOM 230 O "O4'"  . U A 1 8  ? -2.304 -4.640  6.222   1.00 0.00 ? 8  U A "O4'"  1 
ATOM 231 C "C3'"  . U A 1 8  ? -4.027 -4.438  7.880   1.00 0.00 ? 8  U A "C3'"  1 
ATOM 232 O "O3'"  . U A 1 8  ? -5.156 -3.570  7.890   1.00 0.00 ? 8  U A "O3'"  1 
ATOM 233 C "C2'"  . U A 1 8  ? -4.274 -5.692  7.030   1.00 0.00 ? 8  U A "C2'"  1 
ATOM 234 O "O2'"  . U A 1 8  ? -5.605 -5.812  6.562   1.00 0.00 ? 8  U A "O2'"  1 
ATOM 235 C "C1'"  . U A 1 8  ? -3.285 -5.588  5.861   1.00 0.00 ? 8  U A "C1'"  1 
ATOM 236 N N1     . U A 1 8  ? -2.634 -6.911  5.619   1.00 0.00 ? 8  U A N1     1 
ATOM 237 C C2     . U A 1 8  ? -3.091 -7.709  4.558   1.00 0.00 ? 8  U A C2     1 
ATOM 238 O O2     . U A 1 8  ? -3.899 -7.315  3.718   1.00 0.00 ? 8  U A O2     1 
ATOM 239 N N3     . U A 1 8  ? -2.584 -9.010  4.500   1.00 0.00 ? 8  U A N3     1 
ATOM 240 C C4     . U A 1 8  ? -1.681 -9.575  5.404   1.00 0.00 ? 8  U A C4     1 
ATOM 241 O O4     . U A 1 8  ? -1.333 -10.747 5.280   1.00 0.00 ? 8  U A O4     1 
ATOM 242 C C5     . U A 1 8  ? -1.232 -8.671  6.451   1.00 0.00 ? 8  U A C5     1 
ATOM 243 C C6     . U A 1 8  ? -1.708 -7.400  6.527   1.00 0.00 ? 8  U A C6     1 
ATOM 244 H "H5'"  . U A 1 8  ? -2.036 -2.958  9.069   1.00 0.00 ? 8  U A "H5'"  1 
ATOM 245 H "H5''" . U A 1 8  ? -1.346 -4.527  8.617   1.00 0.00 ? 8  U A "H5''" 1 
ATOM 246 H "H4'"  . U A 1 8  ? -3.094 -2.851  6.754   1.00 0.00 ? 8  U A "H4'"  1 
ATOM 247 H "H3'"  . U A 1 8  ? -3.803 -4.769  8.898   1.00 0.00 ? 8  U A "H3'"  1 
ATOM 248 H "H2'"  . U A 1 8  ? -4.062 -6.567  7.648   1.00 0.00 ? 8  U A "H2'"  1 
ATOM 249 H "HO2'" . U A 1 8  ? -5.833 -5.010  6.086   1.00 0.00 ? 8  U A "HO2'" 1 
ATOM 250 H "H1'"  . U A 1 8  ? -3.784 -5.187  4.976   1.00 0.00 ? 8  U A "H1'"  1 
ATOM 251 H H3     . U A 1 8  ? -2.916 -9.600  3.751   1.00 0.00 ? 8  U A H3     1 
ATOM 252 H H5     . U A 1 8  ? -0.522 -9.015  7.190   1.00 0.00 ? 8  U A H5     1 
ATOM 253 H H6     . U A 1 8  ? -1.371 -6.770  7.337   1.00 0.00 ? 8  U A H6     1 
ATOM 254 P P      . U A 1 9  ? -5.308 -2.328  8.921   1.00 0.00 ? 9  U A P      1 
ATOM 255 O OP1    . U A 1 9  ? -4.690 -2.705  10.213  1.00 0.00 ? 9  U A OP1    1 
ATOM 256 O OP2    . U A 1 9  ? -6.726 -1.902  8.890   1.00 0.00 ? 9  U A OP2    1 
ATOM 257 O "O5'"  . U A 1 9  ? -4.429 -1.136  8.274   1.00 0.00 ? 9  U A "O5'"  1 
ATOM 258 C "C5'"  . U A 1 9  ? -4.336 0.129   8.909   1.00 0.00 ? 9  U A "C5'"  1 
ATOM 259 C "C4'"  . U A 1 9  ? -3.772 1.202   7.969   1.00 0.00 ? 9  U A "C4'"  1 
ATOM 260 O "O4'"  . U A 1 9  ? -2.393 1.053   7.678   1.00 0.00 ? 9  U A "O4'"  1 
ATOM 261 C "C3'"  . U A 1 9  ? -4.456 1.266   6.609   1.00 0.00 ? 9  U A "C3'"  1 
ATOM 262 O "O3'"  . U A 1 9  ? -5.787 1.761   6.702   1.00 0.00 ? 9  U A "O3'"  1 
ATOM 263 C "C2'"  . U A 1 9  ? -3.476 2.196   5.898   1.00 0.00 ? 9  U A "C2'"  1 
ATOM 264 O "O2'"  . U A 1 9  ? -3.688 3.546   6.267   1.00 0.00 ? 9  U A "O2'"  1 
ATOM 265 C "C1'"  . U A 1 9  ? -2.119 1.718   6.446   1.00 0.00 ? 9  U A "C1'"  1 
ATOM 266 N N1     . U A 1 9  ? -1.438 0.828   5.452   1.00 0.00 ? 9  U A N1     1 
ATOM 267 C C2     . U A 1 9  ? -0.716 1.429   4.408   1.00 0.00 ? 9  U A C2     1 
ATOM 268 O O2     . U A 1 9  ? -0.640 2.648   4.256   1.00 0.00 ? 9  U A O2     1 
ATOM 269 N N3     . U A 1 9  ? -0.063 0.563   3.530   1.00 0.00 ? 9  U A N3     1 
ATOM 270 C C4     . U A 1 9  ? -0.089 -0.830  3.584   1.00 0.00 ? 9  U A C4     1 
ATOM 271 O O4     . U A 1 9  ? 0.560  -1.493  2.778   1.00 0.00 ? 9  U A O4     1 
ATOM 272 C C5     . U A 1 9  ? -0.924 -1.371  4.644   1.00 0.00 ? 9  U A C5     1 
ATOM 273 C C6     . U A 1 9  ? -1.555 -0.547  5.522   1.00 0.00 ? 9  U A C6     1 
ATOM 274 H "H5'"  . U A 1 9  ? -3.715 0.052   9.803   1.00 0.00 ? 9  U A "H5'"  1 
ATOM 275 H "H5''" . U A 1 9  ? -5.332 0.462   9.208   1.00 0.00 ? 9  U A "H5''" 1 
ATOM 276 H "H4'"  . U A 1 9  ? -3.904 2.165   8.455   1.00 0.00 ? 9  U A "H4'"  1 
ATOM 277 H "H3'"  . U A 1 9  ? -4.425 0.277   6.146   1.00 0.00 ? 9  U A "H3'"  1 
ATOM 278 H "H2'"  . U A 1 9  ? -3.549 2.093   4.821   1.00 0.00 ? 9  U A "H2'"  1 
ATOM 279 H "HO2'" . U A 1 9  ? -4.615 3.753   6.138   1.00 0.00 ? 9  U A "HO2'" 1 
ATOM 280 H "H1'"  . U A 1 9  ? -1.473 2.570   6.669   1.00 0.00 ? 9  U A "H1'"  1 
ATOM 281 H H3     . U A 1 9  ? 0.476  0.983   2.788   1.00 0.00 ? 9  U A H3     1 
ATOM 282 H H5     . U A 1 9  ? -1.045 -2.441  4.734   1.00 0.00 ? 9  U A H5     1 
ATOM 283 H H6     . U A 1 9  ? -2.163 -0.979  6.297   1.00 0.00 ? 9  U A H6     1 
ATOM 284 P P      . C A 1 10 ? -6.896 1.503   5.549   1.00 0.00 ? 10 C A P      1 
ATOM 285 O OP1    . C A 1 10 ? -8.166 2.123   5.988   1.00 0.00 ? 10 C A OP1    1 
ATOM 286 O OP2    . C A 1 10 ? -6.870 0.065   5.199   1.00 0.00 ? 10 C A OP2    1 
ATOM 287 O "O5'"  . C A 1 10 ? -6.333 2.334   4.283   1.00 0.00 ? 10 C A "O5'"  1 
ATOM 288 C "C5'"  . C A 1 10 ? -6.480 3.740   4.165   1.00 0.00 ? 10 C A "C5'"  1 
ATOM 289 C "C4'"  . C A 1 10 ? -5.554 4.275   3.064   1.00 0.00 ? 10 C A "C4'"  1 
ATOM 290 O "O4'"  . C A 1 10 ? -4.203 3.912   3.305   1.00 0.00 ? 10 C A "O4'"  1 
ATOM 291 C "C3'"  . C A 1 10 ? -5.852 3.747   1.661   1.00 0.00 ? 10 C A "C3'"  1 
ATOM 292 O "O3'"  . C A 1 10 ? -7.014 4.322   1.078   1.00 0.00 ? 10 C A "O3'"  1 
ATOM 293 C "C2'"  . C A 1 10 ? -4.541 4.133   0.973   1.00 0.00 ? 10 C A "C2'"  1 
ATOM 294 O "O2'"  . C A 1 10 ? -4.489 5.518   0.685   1.00 0.00 ? 10 C A "O2'"  1 
ATOM 295 C "C1'"  . C A 1 10 ? -3.515 3.793   2.066   1.00 0.00 ? 10 C A "C1'"  1 
ATOM 296 N N1     . C A 1 10 ? -2.948 2.424   1.824   1.00 0.00 ? 10 C A N1     1 
ATOM 297 C C2     . C A 1 10 ? -1.811 2.322   1.000   1.00 0.00 ? 10 C A C2     1 
ATOM 298 O O2     . C A 1 10 ? -1.213 3.325   0.613   1.00 0.00 ? 10 C A O2     1 
ATOM 299 N N3     . C A 1 10 ? -1.384 1.079   0.621   1.00 0.00 ? 10 C A N3     1 
ATOM 300 C C4     . C A 1 10 ? -2.020 -0.041  1.013   1.00 0.00 ? 10 C A C4     1 
ATOM 301 N N4     . C A 1 10 ? -1.572 -1.224  0.569   1.00 0.00 ? 10 C A N4     1 
ATOM 302 C C5     . C A 1 10 ? -3.174 0.032   1.878   1.00 0.00 ? 10 C A C5     1 
ATOM 303 C C6     . C A 1 10 ? -3.596 1.273   2.243   1.00 0.00 ? 10 C A C6     1 
ATOM 304 H "H5'"  . C A 1 10 ? -6.222 4.235   5.103   1.00 0.00 ? 10 C A "H5'"  1 
ATOM 305 H "H5''" . C A 1 10 ? -7.516 3.982   3.920   1.00 0.00 ? 10 C A "H5''" 1 
ATOM 306 H "H4'"  . C A 1 10 ? -5.620 5.366   3.060   1.00 0.00 ? 10 C A "H4'"  1 
ATOM 307 H "H3'"  . C A 1 10 ? -5.947 2.661   1.701   1.00 0.00 ? 10 C A "H3'"  1 
ATOM 308 H "H2'"  . C A 1 10 ? -4.374 3.575   0.055   1.00 0.00 ? 10 C A "H2'"  1 
ATOM 309 H "HO2'" . C A 1 10 ? -3.626 5.722   0.318   1.00 0.00 ? 10 C A "HO2'" 1 
ATOM 310 H "H1'"  . C A 1 10 ? -2.716 4.536   2.089   1.00 0.00 ? 10 C A "H1'"  1 
ATOM 311 H H41    . C A 1 10 ? -0.772 -1.259  -0.047  1.00 0.00 ? 10 C A H41    1 
ATOM 312 H H42    . C A 1 10 ? -2.032 -2.078  0.847   1.00 0.00 ? 10 C A H42    1 
ATOM 313 H H5     . C A 1 10 ? -3.711 -0.839  2.230   1.00 0.00 ? 10 C A H5     1 
ATOM 314 H H6     . C A 1 10 ? -4.472 1.340   2.865   1.00 0.00 ? 10 C A H6     1 
ATOM 315 P P      . G A 1 11 ? -7.734 3.676   -0.224  1.00 0.00 ? 11 G A P      1 
ATOM 316 O OP1    . G A 1 11 ? -8.928 4.493   -0.539  1.00 0.00 ? 11 G A OP1    1 
ATOM 317 O OP2    . G A 1 11 ? -7.888 2.221   0.005   1.00 0.00 ? 11 G A OP2    1 
ATOM 318 O "O5'"  . G A 1 11 ? -6.654 3.876   -1.409  1.00 0.00 ? 11 G A "O5'"  1 
ATOM 319 C "C5'"  . G A 1 11 ? -6.412 5.138   -2.008  1.00 0.00 ? 11 G A "C5'"  1 
ATOM 320 C "C4'"  . G A 1 11 ? -5.254 5.035   -3.009  1.00 0.00 ? 11 G A "C4'"  1 
ATOM 321 O "O4'"  . G A 1 11 ? -4.065 4.546   -2.403  1.00 0.00 ? 11 G A "O4'"  1 
ATOM 322 C "C3'"  . G A 1 11 ? -5.526 4.081   -4.173  1.00 0.00 ? 11 G A "C3'"  1 
ATOM 323 O "O3'"  . G A 1 11 ? -6.428 4.619   -5.130  1.00 0.00 ? 11 G A "O3'"  1 
ATOM 324 C "C2'"  . G A 1 11 ? -4.100 3.896   -4.691  1.00 0.00 ? 11 G A "C2'"  1 
ATOM 325 O "O2'"  . G A 1 11 ? -3.654 5.011   -5.443  1.00 0.00 ? 11 G A "O2'"  1 
ATOM 326 C "C1'"  . G A 1 11 ? -3.323 3.810   -3.370  1.00 0.00 ? 11 G A "C1'"  1 
ATOM 327 N N9     . G A 1 11 ? -3.160 2.384   -2.978  1.00 0.00 ? 11 G A N9     1 
ATOM 328 C C8     . G A 1 11 ? -3.844 1.627   -2.055  1.00 0.00 ? 11 G A C8     1 
ATOM 329 N N7     . G A 1 11 ? -3.431 0.395   -1.953  1.00 0.00 ? 11 G A N7     1 
ATOM 330 C C5     . G A 1 11 ? -2.412 0.308   -2.891  1.00 0.00 ? 11 G A C5     1 
ATOM 331 C C6     . G A 1 11 ? -1.576 -0.800  -3.250  1.00 0.00 ? 11 G A C6     1 
ATOM 332 O O6     . G A 1 11 ? -1.562 -1.923  -2.756  1.00 0.00 ? 11 G A O6     1 
ATOM 333 N N1     . G A 1 11 ? -0.691 -0.497  -4.294  1.00 0.00 ? 11 G A N1     1 
ATOM 334 C C2     . G A 1 11 ? -0.626 0.742   -4.927  1.00 0.00 ? 11 G A C2     1 
ATOM 335 N N2     . G A 1 11 ? 0.280  0.891   -5.900  1.00 0.00 ? 11 G A N2     1 
ATOM 336 N N3     . G A 1 11 ? -1.410 1.783   -4.580  1.00 0.00 ? 11 G A N3     1 
ATOM 337 C C4     . G A 1 11 ? -2.275 1.507   -3.557  1.00 0.00 ? 11 G A C4     1 
ATOM 338 H "H5'"  . G A 1 11 ? -6.158 5.880   -1.249  1.00 0.00 ? 11 G A "H5'"  1 
ATOM 339 H "H5''" . G A 1 11 ? -7.305 5.474   -2.537  1.00 0.00 ? 11 G A "H5''" 1 
ATOM 340 H "H4'"  . G A 1 11 ? -5.051 6.035   -3.399  1.00 0.00 ? 11 G A "H4'"  1 
ATOM 341 H "H3'"  . G A 1 11 ? -5.891 3.132   -3.773  1.00 0.00 ? 11 G A "H3'"  1 
ATOM 342 H "H2'"  . G A 1 11 ? -4.002 3.000   -5.299  1.00 0.00 ? 11 G A "H2'"  1 
ATOM 343 H "HO2'" . G A 1 11 ? -3.654 5.787   -4.879  1.00 0.00 ? 11 G A "HO2'" 1 
ATOM 344 H "H1'"  . G A 1 11 ? -2.331 4.256   -3.470  1.00 0.00 ? 11 G A "H1'"  1 
ATOM 345 H H8     . G A 1 11 ? -4.659 2.005   -1.462  1.00 0.00 ? 11 G A H8     1 
ATOM 346 H H1     . G A 1 11 ? -0.070 -1.231  -4.596  1.00 0.00 ? 11 G A H1     1 
ATOM 347 H H21    . G A 1 11 ? 0.884  0.123   -6.151  1.00 0.00 ? 11 G A H21    1 
ATOM 348 H H22    . G A 1 11 ? 0.364  1.778   -6.377  1.00 0.00 ? 11 G A H22    1 
ATOM 349 P P      . C A 1 12 ? -7.228 3.684   -6.187  1.00 0.00 ? 12 C A P      1 
ATOM 350 O OP1    . C A 1 12 ? -8.061 4.564   -7.036  1.00 0.00 ? 12 C A OP1    1 
ATOM 351 O OP2    . C A 1 12 ? -7.867 2.583   -5.432  1.00 0.00 ? 12 C A OP2    1 
ATOM 352 O "O5'"  . C A 1 12 ? -6.066 3.039   -7.109  1.00 0.00 ? 12 C A "O5'"  1 
ATOM 353 C "C5'"  . C A 1 12 ? -5.386 3.775   -8.111  1.00 0.00 ? 12 C A "C5'"  1 
ATOM 354 C "C4'"  . C A 1 12 ? -4.259 2.929   -8.720  1.00 0.00 ? 12 C A "C4'"  1 
ATOM 355 O "O4'"  . C A 1 12 ? -3.313 2.516   -7.742  1.00 0.00 ? 12 C A "O4'"  1 
ATOM 356 C "C3'"  . C A 1 12 ? -4.730 1.631   -9.378  1.00 0.00 ? 12 C A "C3'"  1 
ATOM 357 O "O3'"  . C A 1 12 ? -5.377 1.842   -10.626 1.00 0.00 ? 12 C A "O3'"  1 
ATOM 358 C "C2'"  . C A 1 12 ? -3.389 0.904   -9.484  1.00 0.00 ? 12 C A "C2'"  1 
ATOM 359 O "O2'"  . C A 1 12 ? -2.598 1.420   -10.537 1.00 0.00 ? 12 C A "O2'"  1 
ATOM 360 C "C1'"  . C A 1 12 ? -2.756 1.262   -8.129  1.00 0.00 ? 12 C A "C1'"  1 
ATOM 361 N N1     . C A 1 12 ? -3.021 0.164   -7.142  1.00 0.00 ? 12 C A N1     1 
ATOM 362 C C2     . C A 1 12 ? -2.201 -0.978  -7.197  1.00 0.00 ? 12 C A C2     1 
ATOM 363 O O2     . C A 1 12 ? -1.253 -1.040  -7.977  1.00 0.00 ? 12 C A O2     1 
ATOM 364 N N3     . C A 1 12 ? -2.478 -2.026  -6.362  1.00 0.00 ? 12 C A N3     1 
ATOM 365 C C4     . C A 1 12 ? -3.516 -1.992  -5.506  1.00 0.00 ? 12 C A C4     1 
ATOM 366 N N4     . C A 1 12 ? -3.733 -3.055  -4.719  1.00 0.00 ? 12 C A N4     1 
ATOM 367 C C5     . C A 1 12 ? -4.380 -0.838  -5.434  1.00 0.00 ? 12 C A C5     1 
ATOM 368 C C6     . C A 1 12 ? -4.094 0.200   -6.265  1.00 0.00 ? 12 C A C6     1 
ATOM 369 H "H5'"  . C A 1 12 ? -4.959 4.686   -7.691  1.00 0.00 ? 12 C A "H5'"  1 
ATOM 370 H "H5''" . C A 1 12 ? -6.087 4.053   -8.902  1.00 0.00 ? 12 C A "H5''" 1 
ATOM 371 H "H4'"  . C A 1 12 ? -3.736 3.539   -9.460  1.00 0.00 ? 12 C A "H4'"  1 
ATOM 372 H "H3'"  . C A 1 12 ? -5.384 1.097   -8.685  1.00 0.00 ? 12 C A "H3'"  1 
ATOM 373 H "H2'"  . C A 1 12 ? -3.513 -0.167  -9.628  1.00 0.00 ? 12 C A "H2'"  1 
ATOM 374 H "HO2'" . C A 1 12 ? -1.746 0.978   -10.525 1.00 0.00 ? 12 C A "HO2'" 1 
ATOM 375 H "H1'"  . C A 1 12 ? -1.678 1.410   -8.230  1.00 0.00 ? 12 C A "H1'"  1 
ATOM 376 H H41    . C A 1 12 ? -3.118 -3.853  -4.778  1.00 0.00 ? 12 C A H41    1 
ATOM 377 H H42    . C A 1 12 ? -4.502 -3.054  -4.063  1.00 0.00 ? 12 C A H42    1 
ATOM 378 H H5     . C A 1 12 ? -5.224 -0.766  -4.763  1.00 0.00 ? 12 C A H5     1 
ATOM 379 H H6     . C A 1 12 ? -4.742 1.058   -6.238  1.00 0.00 ? 12 C A H6     1 
ATOM 380 P P      . A A 1 13 ? -6.330 0.720   -11.307 1.00 0.00 ? 13 A A P      1 
ATOM 381 O OP1    . A A 1 13 ? -6.851 1.274   -12.578 1.00 0.00 ? 13 A A OP1    1 
ATOM 382 O OP2    . A A 1 13 ? -7.284 0.243   -10.280 1.00 0.00 ? 13 A A OP2    1 
ATOM 383 O "O5'"  . A A 1 13 ? -5.332 -0.505  -11.658 1.00 0.00 ? 13 A A "O5'"  1 
ATOM 384 C "C5'"  . A A 1 13 ? -4.423 -0.461  -12.745 1.00 0.00 ? 13 A A "C5'"  1 
ATOM 385 C "C4'"  . A A 1 13 ? -3.566 -1.736  -12.768 1.00 0.00 ? 13 A A "C4'"  1 
ATOM 386 O "O4'"  . A A 1 13 ? -2.887 -1.931  -11.539 1.00 0.00 ? 13 A A "O4'"  1 
ATOM 387 C "C3'"  . A A 1 13 ? -4.370 -3.018  -12.995 1.00 0.00 ? 13 A A "C3'"  1 
ATOM 388 O "O3'"  . A A 1 13 ? -4.721 -3.211  -14.352 1.00 0.00 ? 13 A A "O3'"  1 
ATOM 389 C "C2'"  . A A 1 13 ? -3.393 -4.071  -12.473 1.00 0.00 ? 13 A A "C2'"  1 
ATOM 390 O "O2'"  . A A 1 13 ? -2.429 -4.413  -13.453 1.00 0.00 ? 13 A A "O2'"  1 
ATOM 391 C "C1'"  . A A 1 13 ? -2.711 -3.324  -11.313 1.00 0.00 ? 13 A A "C1'"  1 
ATOM 392 N N9     . A A 1 13 ? -3.293 -3.734  -10.007 1.00 0.00 ? 13 A A N9     1 
ATOM 393 C C8     . A A 1 13 ? -4.201 -3.086  -9.200  1.00 0.00 ? 13 A A C8     1 
ATOM 394 N N7     . A A 1 13 ? -4.504 -3.727  -8.106  1.00 0.00 ? 13 A A N7     1 
ATOM 395 C C5     . A A 1 13 ? -3.761 -4.899  -8.189  1.00 0.00 ? 13 A A C5     1 
ATOM 396 C C6     . A A 1 13 ? -3.628 -6.035  -7.346  1.00 0.00 ? 13 A A C6     1 
ATOM 397 N N6     . A A 1 13 ? -4.249 -6.146  -6.164  1.00 0.00 ? 13 A A N6     1 
ATOM 398 N N1     . A A 1 13 ? -2.828 -7.056  -7.748  1.00 0.00 ? 13 A A N1     1 
ATOM 399 C C2     . A A 1 13 ? -2.188 -6.956  -8.919  1.00 0.00 ? 13 A A C2     1 
ATOM 400 N N3     . A A 1 13 ? -2.222 -5.938  -9.790  1.00 0.00 ? 13 A A N3     1 
ATOM 401 C C4     . A A 1 13 ? -3.037 -4.923  -9.363  1.00 0.00 ? 13 A A C4     1 
ATOM 402 H "H5'"  . A A 1 13 ? -3.767 0.406   -12.655 1.00 0.00 ? 13 A A "H5'"  1 
ATOM 403 H "H5''" . A A 1 13 ? -4.970 -0.388  -13.687 1.00 0.00 ? 13 A A "H5''" 1 
ATOM 404 H "H4'"  . A A 1 13 ? -2.813 -1.643  -13.555 1.00 0.00 ? 13 A A "H4'"  1 
ATOM 405 H "H3'"  . A A 1 13 ? -5.269 -3.022  -12.377 1.00 0.00 ? 13 A A "H3'"  1 
ATOM 406 H "HO3'" . A A 1 13 ? -5.102 -4.088  -14.448 1.00 0.00 ? 13 A A "HO3'" 1 
ATOM 407 H "H2'"  . A A 1 13 ? -3.914 -4.977  -12.160 1.00 0.00 ? 13 A A "H2'"  1 
ATOM 408 H "HO2'" . A A 1 13 ? -2.879 -4.856  -14.177 1.00 0.00 ? 13 A A "HO2'" 1 
ATOM 409 H "H1'"  . A A 1 13 ? -1.641 -3.537  -11.294 1.00 0.00 ? 13 A A "H1'"  1 
ATOM 410 H H8     . A A 1 13 ? -4.635 -2.129  -9.443  1.00 0.00 ? 13 A A H8     1 
ATOM 411 H H61    . A A 1 13 ? -4.114 -6.973  -5.601  1.00 0.00 ? 13 A A H61    1 
ATOM 412 H H62    . A A 1 13 ? -4.843 -5.398  -5.831  1.00 0.00 ? 13 A A H62    1 
ATOM 413 H H2     . A A 1 13 ? -1.562 -7.792  -9.193  1.00 0.00 ? 13 A A H2     1 
# 
